data_1M2W
#
_entry.id   1M2W
#
_cell.length_a   106.954
_cell.length_b   104.531
_cell.length_c   101.505
_cell.angle_alpha   90.00
_cell.angle_beta   90.00
_cell.angle_gamma   90.00
#
_symmetry.space_group_name_H-M   'P 21 21 2'
#
loop_
_entity.id
_entity.type
_entity.pdbx_description
1 polymer 'mannitol dehydrogenase'
2 non-polymer NICOTINAMIDE-ADENINE-DINUCLEOTIDE
3 non-polymer D-MANNITOL
4 water water
#
_entity_poly.entity_id   1
_entity_poly.type   'polypeptide(L)'
_entity_poly.pdbx_seq_one_letter_code
;(MSE)KLNKQNLTQLAPEVKLPAYTLADTRQGIAHIGVGGFHRAHQAYYTDAL(MSE)NTGEGLDWSICGVGLRSEDRKA
RDDLAGQDYLFTLYELGDTDDTEVRVIGSISD(MSE)LLAEDSAQALIDKLASPEIRIVSLTITEGGYCIDDSNGEF
(MSE)AHLPQIQHDLAHPSSPKTVFGFICAALTQRRAAGIPAFTV(MSE)SCDNLPHNGAVTRKALLAFAALHNAELHDW
IKAHVSFPNA(MSE)VDRITP(MSE)TSTAHRLQLHDEHGIDDAWPVVCEPFVQWVLEDKFVNGRPAWEKVGVQFTDDVT
PYEE(MSE)KIGLLNGSHLALTYLGFLKGYRFVHET(MSE)NDPLFVAY(MSE)RAY(MSE)DLDVTPNLAPVPGIDLTD
YKQTLVDRFSNQAIADQLERVCSDGSSKFPKFTVPTINRLIADGRETERAALVVAAWALYLKGVDENGVSYTIPDPRAEF
CQGLVSDDALISQRLLAVEEIFGTAIPNSPEFVAAFERCYGSLRDNGVTTTLKHLLKKPV
;
_entity_poly.pdbx_strand_id   A,B
#
loop_
_chem_comp.id
_chem_comp.type
_chem_comp.name
_chem_comp.formula
MTL non-polymer D-MANNITOL 'C6 H14 O6'
NAD non-polymer NICOTINAMIDE-ADENINE-DINUCLEOTIDE 'C21 H27 N7 O14 P2'
#
# COMPACT_ATOMS: atom_id res chain seq x y z
N MSE A 1 -28.95 14.47 -6.63
CA MSE A 1 -29.19 15.24 -7.88
C MSE A 1 -27.88 15.29 -8.65
O MSE A 1 -26.87 15.79 -8.15
CB MSE A 1 -29.66 16.66 -7.53
CG MSE A 1 -29.98 17.58 -8.70
SE MSE A 1 -31.66 17.02 -9.54
CE MSE A 1 -32.82 17.71 -8.11
N LYS A 2 -27.89 14.75 -9.87
CA LYS A 2 -26.69 14.74 -10.72
C LYS A 2 -26.34 16.18 -11.11
N LEU A 3 -25.07 16.54 -11.01
CA LEU A 3 -24.67 17.90 -11.37
C LEU A 3 -24.58 17.99 -12.89
N ASN A 4 -25.27 18.97 -13.47
CA ASN A 4 -25.24 19.25 -14.90
C ASN A 4 -25.96 20.55 -15.09
N LYS A 5 -26.01 21.05 -16.33
CA LYS A 5 -26.62 22.33 -16.57
C LYS A 5 -28.10 22.35 -16.32
N GLN A 6 -28.79 21.24 -16.54
CA GLN A 6 -30.23 21.19 -16.31
C GLN A 6 -30.63 21.25 -14.84
N ASN A 7 -29.79 20.68 -13.99
CA ASN A 7 -30.09 20.61 -12.56
C ASN A 7 -29.43 21.68 -11.73
N LEU A 8 -28.64 22.52 -12.40
CA LEU A 8 -27.90 23.56 -11.70
C LEU A 8 -28.72 24.38 -10.72
N THR A 9 -29.94 24.75 -11.11
CA THR A 9 -30.78 25.55 -10.24
C THR A 9 -31.61 24.75 -9.28
N GLN A 10 -31.48 23.41 -9.35
CA GLN A 10 -32.22 22.47 -8.52
C GLN A 10 -31.42 21.83 -7.38
N LEU A 11 -30.30 22.44 -6.99
CA LEU A 11 -29.47 21.85 -5.96
C LEU A 11 -29.84 22.38 -4.59
N ALA A 12 -29.28 21.77 -3.55
CA ALA A 12 -29.54 22.17 -2.16
C ALA A 12 -29.30 23.67 -2.06
N PRO A 13 -30.02 24.36 -1.17
CA PRO A 13 -29.90 25.81 -0.98
C PRO A 13 -28.56 26.39 -0.59
N GLU A 14 -27.78 25.64 0.17
CA GLU A 14 -26.48 26.13 0.60
C GLU A 14 -25.46 26.09 -0.55
N VAL A 15 -25.79 25.38 -1.61
CA VAL A 15 -24.82 25.29 -2.74
C VAL A 15 -24.67 26.57 -3.57
N LYS A 16 -23.46 27.12 -3.57
CA LYS A 16 -23.18 28.37 -4.30
C LYS A 16 -23.08 28.07 -5.80
N LEU A 17 -23.65 28.93 -6.63
CA LEU A 17 -23.66 28.68 -8.07
C LEU A 17 -23.04 29.77 -8.88
N PRO A 18 -22.63 29.45 -10.11
CA PRO A 18 -22.02 30.49 -10.94
C PRO A 18 -23.08 31.58 -11.12
N ALA A 19 -22.64 32.84 -11.06
CA ALA A 19 -23.58 33.96 -11.20
C ALA A 19 -23.68 34.45 -12.63
N TYR A 20 -22.77 33.97 -13.46
CA TYR A 20 -22.70 34.35 -14.86
C TYR A 20 -23.39 33.35 -15.77
N THR A 21 -23.78 33.83 -16.96
CA THR A 21 -24.45 33.00 -17.94
C THR A 21 -23.37 32.16 -18.59
N LEU A 22 -23.37 30.87 -18.26
CA LEU A 22 -22.37 29.95 -18.78
C LEU A 22 -22.16 30.04 -20.29
N ALA A 23 -23.24 30.17 -21.04
CA ALA A 23 -23.13 30.25 -22.50
C ALA A 23 -22.53 31.54 -23.04
N ASP A 24 -22.36 32.55 -22.20
CA ASP A 24 -21.79 33.81 -22.70
C ASP A 24 -20.25 33.82 -22.57
N THR A 25 -19.67 32.91 -21.80
CA THR A 25 -18.22 32.90 -21.64
C THR A 25 -17.47 32.44 -22.90
N ARG A 26 -16.26 32.94 -23.09
CA ARG A 26 -15.43 32.51 -24.21
C ARG A 26 -14.06 32.15 -23.63
N GLN A 27 -13.33 31.27 -24.31
CA GLN A 27 -12.03 30.84 -23.77
C GLN A 27 -10.85 31.79 -23.94
N GLY A 28 -10.00 31.89 -22.91
CA GLY A 28 -8.81 32.72 -23.01
C GLY A 28 -7.60 32.02 -22.43
N ILE A 29 -7.83 30.92 -21.71
CA ILE A 29 -6.72 30.20 -21.08
C ILE A 29 -6.78 28.72 -21.47
N ALA A 30 -5.63 28.15 -21.82
CA ALA A 30 -5.57 26.72 -22.09
C ALA A 30 -4.70 26.21 -20.93
N HIS A 31 -5.24 25.29 -20.14
CA HIS A 31 -4.51 24.75 -19.02
C HIS A 31 -4.02 23.32 -19.20
N ILE A 32 -2.71 23.12 -19.10
CA ILE A 32 -2.12 21.78 -19.27
C ILE A 32 -1.96 21.13 -17.90
N GLY A 33 -2.67 20.01 -17.69
CA GLY A 33 -2.58 19.27 -16.44
C GLY A 33 -3.81 19.56 -15.60
N VAL A 34 -4.95 19.01 -15.98
CA VAL A 34 -6.21 19.30 -15.27
C VAL A 34 -6.36 18.36 -14.09
N GLY A 35 -5.79 18.77 -12.95
CA GLY A 35 -5.89 17.94 -11.78
C GLY A 35 -6.65 18.66 -10.68
N GLY A 36 -6.44 18.21 -9.46
CA GLY A 36 -7.16 18.81 -8.34
C GLY A 36 -6.69 20.24 -8.10
N PHE A 37 -5.39 20.46 -8.10
CA PHE A 37 -4.92 21.80 -7.77
C PHE A 37 -5.38 22.87 -8.73
N HIS A 38 -5.32 22.56 -10.03
CA HIS A 38 -5.77 23.54 -11.01
C HIS A 38 -7.25 23.92 -10.77
N ARG A 39 -8.07 22.90 -10.56
CA ARG A 39 -9.48 23.16 -10.35
C ARG A 39 -9.79 23.92 -9.05
N ALA A 40 -9.01 23.68 -8.00
CA ALA A 40 -9.29 24.32 -6.72
C ALA A 40 -8.60 25.67 -6.59
N HIS A 41 -7.72 26.00 -7.55
CA HIS A 41 -6.96 27.26 -7.42
C HIS A 41 -7.17 28.17 -8.62
N GLN A 42 -6.52 27.91 -9.76
CA GLN A 42 -6.75 28.81 -10.88
C GLN A 42 -8.17 28.85 -11.37
N ALA A 43 -8.81 27.69 -11.48
CA ALA A 43 -10.19 27.68 -11.98
C ALA A 43 -11.09 28.37 -10.96
N TYR A 44 -10.78 28.18 -9.69
CA TYR A 44 -11.57 28.78 -8.61
C TYR A 44 -11.53 30.33 -8.67
N TYR A 45 -10.34 30.90 -8.78
CA TYR A 45 -10.22 32.36 -8.85
C TYR A 45 -10.83 32.91 -10.12
N THR A 46 -10.72 32.15 -11.22
CA THR A 46 -11.27 32.63 -12.50
C THR A 46 -12.80 32.63 -12.40
N ASP A 47 -13.35 31.58 -11.81
CA ASP A 47 -14.80 31.49 -11.58
C ASP A 47 -15.27 32.68 -10.67
N ALA A 48 -14.50 32.96 -9.62
CA ALA A 48 -14.84 34.06 -8.68
C ALA A 48 -14.87 35.38 -9.44
N LEU A 49 -13.91 35.58 -10.32
CA LEU A 49 -13.87 36.84 -11.10
C LEU A 49 -15.12 36.95 -11.98
N MSE A 50 -15.43 35.85 -12.68
CA MSE A 50 -16.60 35.85 -13.55
C MSE A 50 -17.88 36.14 -12.76
O MSE A 50 -18.82 36.76 -13.31
CB MSE A 50 -16.71 34.51 -14.23
CG MSE A 50 -15.63 34.35 -15.25
SE MSE A 50 -15.79 32.53 -16.02
CE MSE A 50 -14.50 32.85 -17.37
N ASN A 51 -17.94 35.68 -11.52
CA ASN A 51 -19.13 35.96 -10.69
C ASN A 51 -19.29 37.44 -10.43
N THR A 52 -18.24 38.24 -10.59
CA THR A 52 -18.39 39.68 -10.38
C THR A 52 -18.83 40.35 -11.68
N GLY A 53 -18.97 39.55 -12.74
CA GLY A 53 -19.39 40.08 -14.02
C GLY A 53 -18.26 40.52 -14.94
N GLU A 54 -17.03 40.23 -14.57
CA GLU A 54 -15.86 40.60 -15.38
C GLU A 54 -15.12 39.34 -15.80
N GLY A 55 -14.27 39.48 -16.81
CA GLY A 55 -13.47 38.36 -17.27
C GLY A 55 -14.20 37.16 -17.87
N LEU A 56 -15.37 37.39 -18.47
CA LEU A 56 -16.11 36.26 -19.03
C LEU A 56 -15.46 35.69 -20.29
N ASP A 57 -14.47 36.38 -20.82
CA ASP A 57 -13.74 35.93 -22.00
C ASP A 57 -12.46 35.20 -21.59
N TRP A 58 -12.38 34.81 -20.32
CA TRP A 58 -11.20 34.08 -19.82
C TRP A 58 -11.51 32.65 -19.34
N SER A 59 -12.49 32.02 -20.00
CA SER A 59 -12.84 30.64 -19.68
C SER A 59 -11.60 29.75 -19.96
N ILE A 60 -11.56 28.61 -19.29
CA ILE A 60 -10.42 27.70 -19.44
C ILE A 60 -10.74 26.48 -20.29
N CYS A 61 -9.83 26.20 -21.23
CA CYS A 61 -9.90 24.96 -22.00
C CYS A 61 -8.82 24.06 -21.36
N GLY A 62 -9.23 22.94 -20.76
CA GLY A 62 -8.27 22.04 -20.14
C GLY A 62 -7.54 21.28 -21.23
N VAL A 63 -6.36 20.78 -20.89
CA VAL A 63 -5.54 20.01 -21.83
C VAL A 63 -4.98 18.82 -21.09
N GLY A 64 -5.15 17.63 -21.66
CA GLY A 64 -4.63 16.41 -21.03
C GLY A 64 -3.67 15.77 -22.00
N LEU A 65 -2.43 15.60 -21.57
CA LEU A 65 -1.39 15.00 -22.41
C LEU A 65 -1.15 13.51 -22.15
N ARG A 66 -1.75 12.97 -21.09
CA ARG A 66 -1.55 11.56 -20.69
C ARG A 66 -2.79 10.71 -20.79
N SER A 67 -2.62 9.41 -21.05
CA SER A 67 -3.81 8.57 -21.16
C SER A 67 -4.66 8.61 -19.89
N GLU A 68 -4.05 8.80 -18.72
CA GLU A 68 -4.82 8.84 -17.48
C GLU A 68 -5.81 10.01 -17.49
N ASP A 69 -5.55 11.01 -18.31
CA ASP A 69 -6.41 12.20 -18.40
C ASP A 69 -7.75 11.99 -19.06
N ARG A 70 -7.95 10.85 -19.72
CA ARG A 70 -9.21 10.60 -20.41
C ARG A 70 -10.40 10.54 -19.43
N LYS A 71 -10.13 10.00 -18.25
CA LYS A 71 -11.18 9.84 -17.26
C LYS A 71 -11.67 11.22 -16.78
N ALA A 72 -10.75 12.16 -16.62
CA ALA A 72 -11.14 13.51 -16.18
C ALA A 72 -12.01 14.16 -17.23
N ARG A 73 -11.59 14.03 -18.50
CA ARG A 73 -12.34 14.61 -19.59
C ARG A 73 -13.75 14.03 -19.65
N ASP A 74 -13.85 12.70 -19.61
CA ASP A 74 -15.15 12.05 -19.65
C ASP A 74 -16.05 12.46 -18.48
N ASP A 75 -15.49 12.49 -17.27
CA ASP A 75 -16.26 12.84 -16.07
C ASP A 75 -16.79 14.29 -16.18
N LEU A 76 -15.92 15.22 -16.57
CA LEU A 76 -16.34 16.60 -16.72
C LEU A 76 -17.34 16.75 -17.86
N ALA A 77 -17.09 16.08 -18.99
CA ALA A 77 -17.98 16.22 -20.13
C ALA A 77 -19.41 15.72 -19.79
N GLY A 78 -19.50 14.74 -18.90
CA GLY A 78 -20.78 14.19 -18.51
C GLY A 78 -21.59 15.11 -17.59
N GLN A 79 -21.00 16.22 -17.20
CA GLN A 79 -21.62 17.22 -16.32
C GLN A 79 -21.56 18.61 -16.95
N ASP A 80 -21.48 18.70 -18.30
CA ASP A 80 -21.41 19.99 -18.99
C ASP A 80 -20.23 20.83 -18.47
N TYR A 81 -19.15 20.14 -18.09
CA TYR A 81 -17.91 20.72 -17.60
C TYR A 81 -18.02 21.48 -16.28
N LEU A 82 -19.11 21.24 -15.59
CA LEU A 82 -19.31 21.83 -14.26
C LEU A 82 -18.69 20.85 -13.26
N PHE A 83 -18.24 21.34 -12.10
CA PHE A 83 -17.75 20.42 -11.05
C PHE A 83 -17.93 21.14 -9.74
N THR A 84 -17.98 20.38 -8.65
CA THR A 84 -18.18 20.98 -7.32
C THR A 84 -16.85 21.16 -6.59
N LEU A 85 -16.63 22.39 -6.09
CA LEU A 85 -15.47 22.67 -5.26
C LEU A 85 -16.01 22.46 -3.84
N TYR A 86 -15.45 21.49 -3.13
CA TYR A 86 -15.99 21.11 -1.80
C TYR A 86 -15.00 21.39 -0.70
N GLU A 87 -15.19 22.52 0.00
CA GLU A 87 -14.25 22.87 1.06
C GLU A 87 -14.49 22.01 2.32
N LEU A 88 -13.42 21.50 2.90
CA LEU A 88 -13.54 20.71 4.12
C LEU A 88 -12.58 21.31 5.15
N GLY A 89 -13.08 21.54 6.35
CA GLY A 89 -12.24 22.12 7.38
C GLY A 89 -12.95 21.98 8.72
N ASP A 90 -12.21 22.23 9.80
CA ASP A 90 -12.80 22.07 11.12
C ASP A 90 -13.63 23.20 11.67
N THR A 91 -14.06 24.10 10.80
CA THR A 91 -14.91 25.20 11.23
C THR A 91 -16.12 25.24 10.31
N ASP A 92 -16.95 26.27 10.48
CA ASP A 92 -18.15 26.43 9.65
C ASP A 92 -17.92 27.31 8.42
N ASP A 93 -16.76 27.96 8.37
CA ASP A 93 -16.39 28.82 7.24
C ASP A 93 -16.12 28.04 5.93
N THR A 94 -16.81 26.91 5.76
CA THR A 94 -16.60 26.13 4.56
C THR A 94 -17.81 26.29 3.63
N GLU A 95 -17.56 26.37 2.32
CA GLU A 95 -18.67 26.49 1.40
C GLU A 95 -18.59 25.36 0.38
N VAL A 96 -19.73 25.09 -0.27
CA VAL A 96 -19.84 24.07 -1.34
C VAL A 96 -20.25 24.91 -2.53
N ARG A 97 -19.49 24.81 -3.61
CA ARG A 97 -19.74 25.68 -4.77
C ARG A 97 -19.56 25.00 -6.09
N VAL A 98 -20.45 25.28 -7.06
CA VAL A 98 -20.30 24.71 -8.40
C VAL A 98 -19.46 25.72 -9.20
N ILE A 99 -18.38 25.23 -9.81
CA ILE A 99 -17.45 26.02 -10.59
C ILE A 99 -17.78 25.87 -12.08
N GLY A 100 -17.81 27.00 -12.79
CA GLY A 100 -18.15 26.95 -14.20
C GLY A 100 -17.13 27.57 -15.13
N SER A 101 -15.92 27.77 -14.64
CA SER A 101 -14.91 28.42 -15.44
C SER A 101 -14.15 27.54 -16.42
N ILE A 102 -14.35 26.23 -16.39
CA ILE A 102 -13.70 25.34 -17.36
C ILE A 102 -14.81 24.99 -18.34
N SER A 103 -14.62 25.26 -19.63
CA SER A 103 -15.69 25.01 -20.58
C SER A 103 -15.46 23.85 -21.52
N ASP A 104 -14.27 23.30 -21.50
CA ASP A 104 -13.97 22.17 -22.38
C ASP A 104 -12.64 21.58 -21.93
N MSE A 105 -12.29 20.44 -22.52
CA MSE A 105 -11.01 19.82 -22.23
C MSE A 105 -10.65 18.95 -23.42
O MSE A 105 -11.46 18.12 -23.85
CB MSE A 105 -11.07 18.97 -20.96
CG MSE A 105 -9.79 18.20 -20.70
SE MSE A 105 -9.75 17.40 -18.91
CE MSE A 105 -8.05 16.45 -19.07
N LEU A 106 -9.46 19.16 -23.96
CA LEU A 106 -8.96 18.41 -25.13
C LEU A 106 -7.88 17.43 -24.68
N LEU A 107 -7.84 16.26 -25.34
CA LEU A 107 -6.81 15.27 -25.00
C LEU A 107 -5.86 15.20 -26.20
N ALA A 108 -4.57 15.25 -25.93
CA ALA A 108 -3.60 15.14 -27.01
C ALA A 108 -3.84 13.84 -27.80
N GLU A 109 -4.14 12.77 -27.09
CA GLU A 109 -4.33 11.48 -27.76
C GLU A 109 -5.48 11.38 -28.77
N ASP A 110 -6.42 12.31 -28.72
CA ASP A 110 -7.56 12.32 -29.63
C ASP A 110 -7.14 12.99 -30.94
N SER A 111 -6.11 13.81 -30.90
CA SER A 111 -5.64 14.51 -32.12
C SER A 111 -4.58 15.55 -31.76
N ALA A 112 -3.32 15.34 -32.15
CA ALA A 112 -2.33 16.37 -31.80
C ALA A 112 -2.62 17.67 -32.54
N GLN A 113 -3.08 17.59 -33.79
CA GLN A 113 -3.32 18.84 -34.49
C GLN A 113 -4.47 19.65 -33.93
N ALA A 114 -5.51 18.99 -33.40
CA ALA A 114 -6.64 19.74 -32.84
C ALA A 114 -6.12 20.51 -31.62
N LEU A 115 -5.26 19.88 -30.84
CA LEU A 115 -4.70 20.53 -29.63
C LEU A 115 -3.79 21.71 -30.04
N ILE A 116 -2.89 21.47 -31.00
CA ILE A 116 -2.06 22.59 -31.48
C ILE A 116 -2.96 23.73 -31.97
N ASP A 117 -4.04 23.42 -32.70
CA ASP A 117 -4.93 24.49 -33.23
C ASP A 117 -5.57 25.30 -32.10
N LYS A 118 -5.96 24.62 -31.01
CA LYS A 118 -6.55 25.31 -29.84
C LYS A 118 -5.49 26.23 -29.23
N LEU A 119 -4.31 25.68 -28.96
CA LEU A 119 -3.22 26.47 -28.39
C LEU A 119 -2.79 27.65 -29.29
N ALA A 120 -3.02 27.52 -30.59
CA ALA A 120 -2.66 28.58 -31.53
C ALA A 120 -3.83 29.52 -31.82
N SER A 121 -4.98 29.34 -31.17
CA SER A 121 -6.13 30.21 -31.41
C SER A 121 -5.86 31.54 -30.82
N PRO A 122 -6.20 32.61 -31.55
CA PRO A 122 -5.95 33.96 -31.03
C PRO A 122 -6.61 34.27 -29.70
N GLU A 123 -7.76 33.67 -29.41
CA GLU A 123 -8.45 33.99 -28.15
C GLU A 123 -7.69 33.38 -26.93
N ILE A 124 -6.90 32.32 -27.18
CA ILE A 124 -6.12 31.73 -26.09
C ILE A 124 -4.90 32.65 -25.92
N ARG A 125 -4.83 33.33 -24.76
CA ARG A 125 -3.78 34.31 -24.48
C ARG A 125 -2.81 33.89 -23.37
N ILE A 126 -3.18 32.85 -22.65
CA ILE A 126 -2.31 32.35 -21.57
C ILE A 126 -2.32 30.83 -21.66
N VAL A 127 -1.14 30.21 -21.60
CA VAL A 127 -1.12 28.76 -21.50
C VAL A 127 -0.59 28.51 -20.08
N SER A 128 -1.41 27.92 -19.20
CA SER A 128 -0.99 27.70 -17.81
C SER A 128 -0.63 26.24 -17.58
N LEU A 129 0.13 26.02 -16.51
CA LEU A 129 0.68 24.70 -16.24
C LEU A 129 0.61 24.14 -14.86
N THR A 130 0.10 22.91 -14.71
CA THR A 130 0.35 22.19 -13.44
C THR A 130 0.85 20.82 -13.99
N ILE A 131 2.15 20.74 -14.25
CA ILE A 131 2.72 19.52 -14.81
C ILE A 131 3.64 18.78 -13.81
N THR A 132 3.50 19.14 -12.53
CA THR A 132 4.21 18.61 -11.35
C THR A 132 5.61 19.16 -11.18
N GLU A 133 6.13 19.03 -9.96
CA GLU A 133 7.45 19.56 -9.65
C GLU A 133 8.59 19.05 -10.53
N GLY A 134 8.48 17.85 -11.03
CA GLY A 134 9.56 17.35 -11.86
C GLY A 134 9.21 17.37 -13.34
N GLY A 135 8.16 18.12 -13.69
CA GLY A 135 7.76 18.14 -15.10
C GLY A 135 8.55 19.03 -16.05
N TYR A 136 9.46 19.83 -15.51
CA TYR A 136 10.19 20.77 -16.35
C TYR A 136 11.49 20.28 -16.97
N CYS A 137 11.94 19.09 -16.58
CA CYS A 137 13.14 18.53 -17.16
C CYS A 137 14.38 19.42 -17.07
N ILE A 138 14.53 20.08 -15.93
CA ILE A 138 15.67 20.95 -15.67
C ILE A 138 16.42 20.41 -14.42
N ASP A 139 17.70 20.04 -14.57
CA ASP A 139 18.51 19.51 -13.45
C ASP A 139 18.85 20.67 -12.53
N ASP A 140 18.43 20.58 -11.27
CA ASP A 140 18.67 21.63 -10.29
C ASP A 140 20.13 21.87 -9.96
N SER A 141 20.93 20.81 -9.96
CA SER A 141 22.33 20.96 -9.64
C SER A 141 23.05 21.84 -10.66
N ASN A 142 22.90 21.52 -11.95
CA ASN A 142 23.59 22.29 -12.99
C ASN A 142 22.72 23.15 -13.90
N GLY A 143 21.43 23.20 -13.64
CA GLY A 143 20.53 24.00 -14.47
C GLY A 143 20.39 23.58 -15.93
N GLU A 144 20.78 22.36 -16.30
CA GLU A 144 20.63 22.02 -17.70
C GLU A 144 19.35 21.25 -18.00
N PHE A 145 18.86 21.46 -19.22
CA PHE A 145 17.64 20.82 -19.71
C PHE A 145 17.99 19.37 -20.13
N MSE A 146 17.12 18.41 -19.82
CA MSE A 146 17.37 17.01 -20.17
C MSE A 146 17.01 16.67 -21.62
O MSE A 146 16.12 15.85 -21.88
CB MSE A 146 16.62 16.11 -19.20
CG MSE A 146 16.92 16.50 -17.78
SE MSE A 146 15.73 15.70 -16.42
CE MSE A 146 17.05 15.91 -14.95
N ALA A 147 17.72 17.28 -22.56
CA ALA A 147 17.48 17.11 -23.98
C ALA A 147 17.48 15.68 -24.49
N HIS A 148 18.15 14.79 -23.76
CA HIS A 148 18.26 13.42 -24.21
C HIS A 148 17.14 12.47 -23.84
N LEU A 149 16.11 12.98 -23.18
CA LEU A 149 14.96 12.15 -22.84
C LEU A 149 14.28 11.68 -24.14
N PRO A 150 13.78 10.44 -24.14
CA PRO A 150 13.09 9.80 -25.27
C PRO A 150 11.97 10.66 -25.90
N GLN A 151 11.05 11.10 -25.05
CA GLN A 151 9.91 11.89 -25.51
C GLN A 151 10.38 13.24 -26.09
N ILE A 152 11.47 13.79 -25.55
CA ILE A 152 12.01 15.05 -26.05
C ILE A 152 12.58 14.80 -27.44
N GLN A 153 13.35 13.72 -27.59
CA GLN A 153 13.92 13.45 -28.90
C GLN A 153 12.81 13.17 -29.91
N HIS A 154 11.73 12.51 -29.47
CA HIS A 154 10.62 12.23 -30.37
C HIS A 154 10.02 13.56 -30.88
N ASP A 155 9.80 14.51 -29.99
CA ASP A 155 9.23 15.80 -30.42
C ASP A 155 10.12 16.59 -31.37
N LEU A 156 11.43 16.49 -31.20
CA LEU A 156 12.33 17.19 -32.08
C LEU A 156 12.24 16.55 -33.47
N ALA A 157 12.04 15.23 -33.51
CA ALA A 157 11.96 14.48 -34.77
C ALA A 157 10.60 14.61 -35.48
N HIS A 158 9.54 14.89 -34.72
CA HIS A 158 8.20 15.00 -35.29
C HIS A 158 7.50 16.22 -34.61
N PRO A 159 7.96 17.44 -34.91
CA PRO A 159 7.43 18.67 -34.34
C PRO A 159 5.96 18.95 -34.52
N SER A 160 5.35 18.38 -35.56
CA SER A 160 3.91 18.56 -35.75
C SER A 160 3.10 17.45 -35.11
N SER A 161 3.76 16.49 -34.44
CA SER A 161 3.03 15.42 -33.72
C SER A 161 3.73 15.24 -32.39
N PRO A 162 3.81 16.34 -31.60
CA PRO A 162 4.47 16.27 -30.28
C PRO A 162 3.71 15.46 -29.26
N LYS A 163 4.43 15.07 -28.22
CA LYS A 163 3.84 14.35 -27.08
C LYS A 163 4.05 15.16 -25.78
N THR A 164 5.09 15.97 -25.73
CA THR A 164 5.42 16.70 -24.49
C THR A 164 4.86 18.10 -24.39
N VAL A 165 4.88 18.63 -23.17
CA VAL A 165 4.40 19.99 -22.96
C VAL A 165 5.18 20.98 -23.81
N PHE A 166 6.52 20.85 -23.84
CA PHE A 166 7.32 21.81 -24.63
C PHE A 166 7.08 21.63 -26.12
N GLY A 167 6.90 20.39 -26.57
CA GLY A 167 6.62 20.16 -27.97
C GLY A 167 5.30 20.80 -28.40
N PHE A 168 4.26 20.66 -27.60
CA PHE A 168 3.00 21.30 -27.96
C PHE A 168 3.11 22.84 -27.88
N ILE A 169 3.79 23.35 -26.86
CA ILE A 169 3.89 24.81 -26.80
C ILE A 169 4.67 25.37 -27.99
N CYS A 170 5.75 24.70 -28.37
CA CYS A 170 6.55 25.14 -29.52
C CYS A 170 5.79 25.09 -30.82
N ALA A 171 5.09 23.97 -31.05
CA ALA A 171 4.29 23.85 -32.25
C ALA A 171 3.23 24.95 -32.33
N ALA A 172 2.57 25.24 -31.21
CA ALA A 172 1.53 26.27 -31.18
C ALA A 172 2.15 27.64 -31.42
N LEU A 173 3.32 27.90 -30.84
CA LEU A 173 3.94 29.21 -31.03
C LEU A 173 4.35 29.40 -32.48
N THR A 174 4.88 28.34 -33.10
CA THR A 174 5.30 28.48 -34.49
C THR A 174 4.08 28.69 -35.42
N GLN A 175 2.97 28.02 -35.10
CA GLN A 175 1.77 28.17 -35.90
C GLN A 175 1.18 29.58 -35.75
N ARG A 176 1.20 30.13 -34.54
CA ARG A 176 0.70 31.49 -34.30
C ARG A 176 1.61 32.48 -35.05
N ARG A 177 2.90 32.24 -34.93
CA ARG A 177 3.84 33.13 -35.57
C ARG A 177 3.60 33.13 -37.08
N ALA A 178 3.38 31.97 -37.66
CA ALA A 178 3.16 31.89 -39.09
C ALA A 178 1.87 32.62 -39.50
N ALA A 179 0.90 32.72 -38.58
CA ALA A 179 -0.37 33.38 -38.89
C ALA A 179 -0.40 34.84 -38.46
N GLY A 180 0.73 35.32 -37.95
CA GLY A 180 0.80 36.68 -37.48
C GLY A 180 -0.03 36.91 -36.20
N ILE A 181 -0.17 35.87 -35.39
CA ILE A 181 -0.94 35.95 -34.15
C ILE A 181 0.07 36.12 -33.02
N PRO A 182 -0.20 37.04 -32.10
CA PRO A 182 0.73 37.24 -30.99
C PRO A 182 0.86 36.02 -30.08
N ALA A 183 2.01 35.93 -29.43
CA ALA A 183 2.27 34.83 -28.51
C ALA A 183 1.39 34.93 -27.28
N PHE A 184 1.33 33.81 -26.55
CA PHE A 184 0.60 33.77 -25.27
C PHE A 184 1.65 33.86 -24.17
N THR A 185 1.20 34.05 -22.92
CA THR A 185 2.09 34.02 -21.76
C THR A 185 2.08 32.55 -21.32
N VAL A 186 3.20 32.04 -20.78
CA VAL A 186 3.21 30.67 -20.27
C VAL A 186 3.26 30.89 -18.75
N MSE A 187 2.22 30.43 -18.08
CA MSE A 187 2.03 30.69 -16.64
C MSE A 187 2.13 29.41 -15.80
O MSE A 187 1.19 28.66 -15.75
CB MSE A 187 0.65 31.35 -16.44
CG MSE A 187 0.36 31.75 -14.96
SE MSE A 187 -1.32 32.67 -14.82
CE MSE A 187 -2.43 31.11 -14.60
N SER A 188 3.29 29.18 -15.19
CA SER A 188 3.52 27.99 -14.35
C SER A 188 2.80 28.13 -13.04
N CYS A 189 2.09 27.06 -12.66
CA CYS A 189 1.39 27.07 -11.38
C CYS A 189 1.87 25.86 -10.54
N ASP A 190 3.09 25.39 -10.84
CA ASP A 190 3.70 24.32 -10.05
C ASP A 190 4.54 24.92 -8.95
N ASN A 191 4.79 24.11 -7.92
CA ASN A 191 5.63 24.55 -6.78
C ASN A 191 7.10 24.43 -6.98
N LEU A 192 7.73 25.41 -7.60
CA LEU A 192 9.18 25.37 -7.74
C LEU A 192 9.64 26.77 -7.46
N PRO A 193 10.82 26.93 -6.86
CA PRO A 193 11.35 28.27 -6.60
C PRO A 193 11.55 28.84 -8.02
N HIS A 194 11.21 30.11 -8.24
CA HIS A 194 11.33 30.78 -9.54
C HIS A 194 10.75 29.90 -10.65
N ASN A 195 9.50 29.49 -10.45
CA ASN A 195 8.87 28.61 -11.42
C ASN A 195 8.77 29.18 -12.82
N GLY A 196 8.62 30.50 -12.93
CA GLY A 196 8.54 31.13 -14.25
C GLY A 196 9.94 31.07 -14.89
N ALA A 197 10.97 31.42 -14.15
CA ALA A 197 12.33 31.31 -14.71
C ALA A 197 12.69 29.88 -15.14
N VAL A 198 12.19 28.89 -14.41
CA VAL A 198 12.50 27.50 -14.78
C VAL A 198 11.78 27.14 -16.09
N THR A 199 10.52 27.57 -16.17
CA THR A 199 9.71 27.29 -17.36
C THR A 199 10.41 27.91 -18.56
N ARG A 200 10.89 29.11 -18.38
CA ARG A 200 11.57 29.82 -19.45
C ARG A 200 12.84 29.09 -19.85
N LYS A 201 13.65 28.70 -18.87
CA LYS A 201 14.89 27.97 -19.17
C LYS A 201 14.62 26.72 -19.96
N ALA A 202 13.60 25.96 -19.57
CA ALA A 202 13.24 24.73 -20.27
C ALA A 202 12.72 24.96 -21.69
N LEU A 203 11.78 25.89 -21.86
CA LEU A 203 11.22 26.10 -23.19
C LEU A 203 12.28 26.65 -24.11
N LEU A 204 13.11 27.56 -23.60
CA LEU A 204 14.14 28.14 -24.45
C LEU A 204 15.18 27.08 -24.84
N ALA A 205 15.54 26.21 -23.91
CA ALA A 205 16.52 25.16 -24.20
C ALA A 205 15.95 24.24 -25.27
N PHE A 206 14.69 23.84 -25.10
CA PHE A 206 14.06 22.97 -26.09
C PHE A 206 13.98 23.71 -27.46
N ALA A 207 13.62 24.99 -27.44
CA ALA A 207 13.54 25.73 -28.69
C ALA A 207 14.91 25.81 -29.39
N ALA A 208 15.98 25.96 -28.60
CA ALA A 208 17.33 26.06 -29.17
C ALA A 208 17.70 24.79 -29.87
N LEU A 209 17.11 23.67 -29.44
CA LEU A 209 17.37 22.38 -30.08
C LEU A 209 16.76 22.34 -31.51
N HIS A 210 15.87 23.29 -31.80
CA HIS A 210 15.27 23.46 -33.13
C HIS A 210 16.30 24.39 -33.80
N ASN A 211 16.35 25.65 -33.40
CA ASN A 211 17.39 26.57 -33.92
C ASN A 211 17.49 27.83 -33.06
N ALA A 212 18.58 28.58 -33.23
CA ALA A 212 18.73 29.80 -32.45
C ALA A 212 17.67 30.85 -32.78
N GLU A 213 17.27 30.91 -34.04
CA GLU A 213 16.28 31.88 -34.46
C GLU A 213 14.96 31.70 -33.66
N LEU A 214 14.53 30.46 -33.49
CA LEU A 214 13.26 30.20 -32.78
C LEU A 214 13.48 30.47 -31.28
N HIS A 215 14.60 29.98 -30.74
CA HIS A 215 14.94 30.28 -29.35
C HIS A 215 14.90 31.79 -29.12
N ASP A 216 15.49 32.55 -30.04
CA ASP A 216 15.52 34.00 -29.87
C ASP A 216 14.14 34.67 -29.99
N TRP A 217 13.29 34.18 -30.89
CA TRP A 217 11.98 34.76 -31.05
C TRP A 217 11.14 34.48 -29.79
N ILE A 218 11.21 33.26 -29.27
CA ILE A 218 10.46 32.95 -28.06
C ILE A 218 10.96 33.80 -26.89
N LYS A 219 12.28 33.94 -26.77
CA LYS A 219 12.83 34.74 -25.68
C LYS A 219 12.30 36.17 -25.73
N ALA A 220 12.10 36.69 -26.94
CA ALA A 220 11.64 38.08 -27.05
C ALA A 220 10.13 38.29 -27.07
N HIS A 221 9.35 37.24 -27.29
CA HIS A 221 7.92 37.41 -27.37
C HIS A 221 7.05 36.72 -26.32
N VAL A 222 7.62 35.83 -25.52
CA VAL A 222 6.81 35.10 -24.53
C VAL A 222 7.27 35.52 -23.12
N SER A 223 6.32 35.72 -22.20
CA SER A 223 6.70 36.05 -20.83
C SER A 223 6.41 34.79 -19.98
N PHE A 224 7.12 34.69 -18.87
CA PHE A 224 7.05 33.53 -17.98
C PHE A 224 7.02 34.05 -16.53
N PRO A 225 5.86 34.54 -16.10
CA PRO A 225 5.79 35.08 -14.73
C PRO A 225 6.08 34.07 -13.64
N ASN A 226 6.80 34.51 -12.62
CA ASN A 226 7.03 33.66 -11.45
C ASN A 226 5.82 33.81 -10.49
N ALA A 227 5.52 32.77 -9.72
CA ALA A 227 4.41 32.87 -8.80
C ALA A 227 4.61 31.95 -7.61
N MSE A 228 3.85 32.23 -6.53
CA MSE A 228 3.78 31.34 -5.36
C MSE A 228 2.29 30.98 -5.37
O MSE A 228 1.41 31.88 -5.52
CB MSE A 228 4.12 32.06 -4.04
CG MSE A 228 4.09 31.18 -2.81
SE MSE A 228 2.32 31.11 -2.01
CE MSE A 228 2.62 32.66 -0.77
N VAL A 229 1.98 29.69 -5.24
CA VAL A 229 0.61 29.22 -5.28
C VAL A 229 0.36 28.35 -4.07
N ASP A 230 -0.82 28.44 -3.46
CA ASP A 230 -1.06 27.66 -2.24
C ASP A 230 -2.54 27.29 -2.01
N ARG A 231 -2.82 25.98 -1.92
CA ARG A 231 -4.13 25.49 -1.52
C ARG A 231 -4.00 23.97 -1.36
N ILE A 232 -4.21 23.45 -0.13
CA ILE A 232 -4.10 22.02 0.06
C ILE A 232 -5.31 21.34 -0.59
N THR A 233 -5.01 20.39 -1.46
CA THR A 233 -6.04 19.69 -2.25
C THR A 233 -5.72 18.18 -2.25
N PRO A 234 -6.46 17.40 -1.47
CA PRO A 234 -6.25 15.93 -1.41
C PRO A 234 -6.60 15.21 -2.72
N MSE A 235 -6.23 13.93 -2.79
CA MSE A 235 -6.61 13.16 -3.96
C MSE A 235 -8.08 12.81 -3.83
O MSE A 235 -8.65 12.70 -2.74
CB MSE A 235 -5.80 11.86 -4.05
CG MSE A 235 -4.29 12.12 -4.10
SE MSE A 235 -3.28 10.40 -4.30
CE MSE A 235 -3.79 9.50 -2.65
N THR A 236 -8.69 12.63 -5.00
CA THR A 236 -10.09 12.28 -5.10
C THR A 236 -10.32 10.98 -4.31
N SER A 237 -11.47 10.87 -3.67
CA SER A 237 -11.81 9.62 -2.97
C SER A 237 -13.30 9.34 -3.04
N THR A 238 -13.62 8.05 -3.05
CA THR A 238 -15.01 7.65 -3.01
C THR A 238 -15.64 8.22 -1.73
N ALA A 239 -14.92 8.16 -0.60
CA ALA A 239 -15.52 8.65 0.63
C ALA A 239 -15.95 10.12 0.53
N HIS A 240 -15.10 10.91 -0.11
CA HIS A 240 -15.43 12.34 -0.26
C HIS A 240 -16.59 12.56 -1.24
N ARG A 241 -16.64 11.74 -2.28
CA ARG A 241 -17.74 11.89 -3.25
C ARG A 241 -19.04 11.50 -2.54
N LEU A 242 -19.01 10.45 -1.73
CA LEU A 242 -20.22 10.02 -1.03
C LEU A 242 -20.61 11.03 0.03
N GLN A 243 -19.62 11.64 0.68
CA GLN A 243 -19.88 12.64 1.71
C GLN A 243 -20.56 13.86 1.09
N LEU A 244 -20.08 14.29 -0.08
CA LEU A 244 -20.68 15.43 -0.78
C LEU A 244 -22.16 15.15 -1.03
N HIS A 245 -22.47 13.93 -1.49
CA HIS A 245 -23.87 13.59 -1.74
C HIS A 245 -24.68 13.53 -0.42
N ASP A 246 -24.13 12.85 0.57
CA ASP A 246 -24.80 12.73 1.88
C ASP A 246 -25.08 14.05 2.56
N GLU A 247 -24.14 14.97 2.50
CA GLU A 247 -24.28 16.26 3.18
C GLU A 247 -24.92 17.36 2.35
N HIS A 248 -24.74 17.35 1.02
CA HIS A 248 -25.28 18.43 0.19
C HIS A 248 -26.13 18.01 -1.01
N GLY A 249 -26.40 16.71 -1.09
CA GLY A 249 -27.28 16.17 -2.13
C GLY A 249 -26.80 16.13 -3.57
N ILE A 250 -25.55 16.53 -3.80
CA ILE A 250 -25.04 16.53 -5.16
C ILE A 250 -24.36 15.20 -5.49
N ASP A 251 -24.66 14.70 -6.69
CA ASP A 251 -24.02 13.53 -7.23
C ASP A 251 -23.07 14.11 -8.26
N ASP A 252 -21.78 14.13 -7.91
CA ASP A 252 -20.75 14.69 -8.79
C ASP A 252 -19.79 13.55 -9.05
N ALA A 253 -19.51 13.28 -10.32
CA ALA A 253 -18.59 12.20 -10.65
C ALA A 253 -17.16 12.51 -10.23
N TRP A 254 -16.84 13.79 -10.11
CA TRP A 254 -15.45 14.17 -9.80
C TRP A 254 -15.35 15.54 -9.13
N PRO A 255 -15.83 15.65 -7.91
CA PRO A 255 -15.73 16.97 -7.24
C PRO A 255 -14.26 17.15 -6.84
N VAL A 256 -13.89 18.36 -6.44
CA VAL A 256 -12.54 18.57 -5.95
C VAL A 256 -12.69 19.04 -4.50
N VAL A 257 -11.99 18.35 -3.59
CA VAL A 257 -12.04 18.75 -2.17
C VAL A 257 -10.81 19.61 -1.93
N CYS A 258 -10.93 20.64 -1.11
CA CYS A 258 -9.76 21.48 -0.80
C CYS A 258 -10.03 22.14 0.56
N GLU A 259 -9.01 22.76 1.13
CA GLU A 259 -9.17 23.47 2.41
C GLU A 259 -9.71 24.87 2.10
N PRO A 260 -10.24 25.57 3.12
CA PRO A 260 -10.76 26.92 2.89
C PRO A 260 -9.69 27.93 2.47
N PHE A 261 -8.50 27.82 3.06
CA PHE A 261 -7.43 28.79 2.77
C PHE A 261 -6.96 28.69 1.33
N VAL A 262 -6.66 29.84 0.72
CA VAL A 262 -6.16 29.80 -0.65
C VAL A 262 -5.31 31.07 -0.84
N GLN A 263 -4.22 30.98 -1.60
CA GLN A 263 -3.38 32.16 -1.82
C GLN A 263 -2.71 32.08 -3.18
N TRP A 264 -2.49 33.22 -3.82
CA TRP A 264 -1.82 33.24 -5.12
C TRP A 264 -1.08 34.59 -5.19
N VAL A 265 0.25 34.53 -5.29
CA VAL A 265 1.06 35.76 -5.42
C VAL A 265 1.80 35.62 -6.75
N LEU A 266 1.67 36.65 -7.58
CA LEU A 266 2.20 36.58 -8.96
C LEU A 266 2.91 37.85 -9.44
N GLU A 267 3.88 37.68 -10.35
CA GLU A 267 4.56 38.81 -10.97
C GLU A 267 3.65 39.16 -12.14
N ASP A 268 3.45 40.45 -12.37
CA ASP A 268 2.53 40.86 -13.44
C ASP A 268 3.32 40.96 -14.74
N LYS A 269 3.56 39.80 -15.34
CA LYS A 269 4.34 39.75 -16.56
C LYS A 269 3.62 38.95 -17.59
N PHE A 270 2.63 39.58 -18.21
CA PHE A 270 1.83 38.93 -19.23
C PHE A 270 1.92 39.65 -20.56
N VAL A 271 2.31 38.95 -21.62
CA VAL A 271 2.45 39.63 -22.90
C VAL A 271 1.17 39.88 -23.67
N ASN A 272 0.13 39.11 -23.39
CA ASN A 272 -1.11 39.18 -24.17
C ASN A 272 -2.32 39.32 -23.25
N GLY A 273 -2.13 40.05 -22.16
CA GLY A 273 -3.23 40.30 -21.23
C GLY A 273 -3.51 39.20 -20.21
N ARG A 274 -4.44 39.47 -19.29
CA ARG A 274 -4.77 38.44 -18.28
C ARG A 274 -6.06 38.85 -17.65
N PRO A 275 -6.71 37.92 -16.92
CA PRO A 275 -7.97 38.30 -16.26
C PRO A 275 -7.56 39.25 -15.12
N ALA A 276 -8.53 40.05 -14.66
CA ALA A 276 -8.30 40.98 -13.56
C ALA A 276 -8.48 40.21 -12.24
N TRP A 277 -7.62 39.21 -12.04
CA TRP A 277 -7.70 38.40 -10.84
C TRP A 277 -7.50 39.18 -9.55
N GLU A 278 -6.86 40.35 -9.62
CA GLU A 278 -6.64 41.13 -8.41
C GLU A 278 -8.00 41.53 -7.80
N LYS A 279 -9.08 41.50 -8.58
CA LYS A 279 -10.39 41.88 -8.03
C LYS A 279 -10.91 40.81 -7.12
N VAL A 280 -10.32 39.61 -7.21
CA VAL A 280 -10.77 38.53 -6.35
C VAL A 280 -9.72 37.95 -5.45
N GLY A 281 -8.76 38.78 -5.05
CA GLY A 281 -7.79 38.31 -4.05
C GLY A 281 -6.44 37.81 -4.46
N VAL A 282 -6.18 37.77 -5.77
CA VAL A 282 -4.89 37.37 -6.24
C VAL A 282 -3.98 38.59 -6.03
N GLN A 283 -2.78 38.35 -5.54
CA GLN A 283 -1.84 39.46 -5.24
C GLN A 283 -0.71 39.57 -6.22
N PHE A 284 -0.51 40.76 -6.81
CA PHE A 284 0.61 40.94 -7.74
C PHE A 284 1.72 41.66 -7.00
N THR A 285 2.96 41.29 -7.27
CA THR A 285 4.06 41.87 -6.53
C THR A 285 5.21 42.10 -7.46
N ASP A 286 6.15 42.95 -7.06
CA ASP A 286 7.32 43.21 -7.89
C ASP A 286 8.38 42.13 -7.62
N ASP A 287 8.24 41.39 -6.53
CA ASP A 287 9.21 40.34 -6.25
C ASP A 287 8.55 39.20 -5.49
N VAL A 288 8.34 38.08 -6.17
CA VAL A 288 7.68 36.97 -5.51
C VAL A 288 8.65 36.12 -4.74
N THR A 289 9.97 36.31 -4.90
CA THR A 289 10.91 35.44 -4.22
C THR A 289 10.71 35.22 -2.71
N PRO A 290 10.50 36.28 -1.94
CA PRO A 290 10.31 36.10 -0.49
C PRO A 290 9.12 35.21 -0.17
N TYR A 291 8.04 35.35 -0.96
CA TYR A 291 6.82 34.58 -0.78
C TYR A 291 7.03 33.12 -1.13
N GLU A 292 7.72 32.90 -2.24
CA GLU A 292 8.00 31.54 -2.68
C GLU A 292 8.97 30.80 -1.69
N GLU A 293 10.02 31.48 -1.23
CA GLU A 293 10.96 30.84 -0.30
C GLU A 293 10.26 30.54 1.01
N MSE A 294 9.35 31.44 1.40
CA MSE A 294 8.60 31.28 2.66
C MSE A 294 7.67 30.06 2.55
O MSE A 294 7.70 29.13 3.39
CB MSE A 294 7.71 32.51 2.90
CG MSE A 294 6.80 32.39 4.14
SE MSE A 294 5.42 33.72 4.16
CE MSE A 294 4.41 33.11 2.58
N LYS A 295 6.80 30.07 1.55
CA LYS A 295 5.82 28.98 1.42
C LYS A 295 6.43 27.63 1.06
N ILE A 296 7.34 27.59 0.11
CA ILE A 296 7.91 26.31 -0.19
C ILE A 296 8.82 25.77 0.90
N GLY A 297 9.64 26.65 1.49
CA GLY A 297 10.53 26.19 2.53
C GLY A 297 9.80 25.75 3.81
N LEU A 298 8.78 26.50 4.20
CA LEU A 298 8.05 26.14 5.44
C LEU A 298 6.91 25.18 5.22
N LEU A 299 6.04 25.44 4.24
CA LEU A 299 4.91 24.50 4.06
C LEU A 299 5.33 23.22 3.33
N ASN A 300 5.82 23.36 2.10
CA ASN A 300 6.18 22.12 1.37
C ASN A 300 7.33 21.36 2.08
N GLY A 301 8.29 22.11 2.64
CA GLY A 301 9.37 21.49 3.42
C GLY A 301 8.81 20.73 4.64
N SER A 302 7.83 21.30 5.35
CA SER A 302 7.30 20.58 6.52
C SER A 302 6.51 19.35 6.07
N HIS A 303 5.76 19.48 4.96
CA HIS A 303 5.06 18.31 4.44
C HIS A 303 6.05 17.14 4.23
N LEU A 304 7.21 17.36 3.59
CA LEU A 304 8.14 16.22 3.42
C LEU A 304 8.68 15.71 4.77
N ALA A 305 8.92 16.64 5.71
CA ALA A 305 9.42 16.24 7.03
C ALA A 305 8.43 15.38 7.76
N LEU A 306 7.14 15.62 7.53
CA LEU A 306 6.16 14.79 8.24
C LEU A 306 5.81 13.50 7.53
N THR A 307 5.80 13.55 6.20
CA THR A 307 5.21 12.44 5.43
C THR A 307 5.86 11.07 5.40
N TYR A 308 7.18 11.03 5.29
CA TYR A 308 7.86 9.72 5.26
C TYR A 308 7.90 9.14 6.65
N LEU A 309 8.27 9.94 7.66
CA LEU A 309 8.21 9.46 9.06
C LEU A 309 6.77 9.00 9.37
N GLY A 310 5.79 9.79 8.92
CA GLY A 310 4.40 9.45 9.20
C GLY A 310 3.99 8.12 8.57
N PHE A 311 4.36 7.92 7.30
CA PHE A 311 4.04 6.69 6.58
C PHE A 311 4.71 5.48 7.25
N LEU A 312 5.96 5.65 7.65
CA LEU A 312 6.68 4.57 8.34
C LEU A 312 6.01 4.20 9.63
N LYS A 313 5.53 5.22 10.34
CA LYS A 313 4.86 5.04 11.62
C LYS A 313 3.50 4.35 11.45
N GLY A 314 3.00 4.33 10.23
CA GLY A 314 1.70 3.69 9.96
C GLY A 314 0.54 4.67 9.82
N TYR A 315 0.81 5.96 9.95
CA TYR A 315 -0.23 7.00 9.81
C TYR A 315 -0.56 7.08 8.31
N ARG A 316 -1.75 7.53 7.96
CA ARG A 316 -2.07 7.60 6.53
C ARG A 316 -2.63 8.97 6.11
N PHE A 317 -2.84 9.86 7.08
CA PHE A 317 -3.32 11.21 6.75
C PHE A 317 -2.47 12.26 7.43
N VAL A 318 -2.39 13.44 6.82
CA VAL A 318 -1.59 14.52 7.40
C VAL A 318 -2.10 14.87 8.81
N HIS A 319 -3.41 14.94 8.99
CA HIS A 319 -3.93 15.32 10.30
C HIS A 319 -3.56 14.31 11.39
N GLU A 320 -3.29 13.06 11.00
CA GLU A 320 -2.90 12.06 11.99
C GLU A 320 -1.50 12.40 12.51
N THR A 321 -0.62 12.85 11.62
CA THR A 321 0.72 13.23 12.09
C THR A 321 0.54 14.40 13.04
N MSE A 322 -0.40 15.30 12.74
CA MSE A 322 -0.59 16.47 13.57
C MSE A 322 -1.24 16.17 14.92
O MSE A 322 -1.26 17.01 15.82
CB MSE A 322 -1.42 17.55 12.83
CG MSE A 322 -0.71 18.09 11.53
SE MSE A 322 1.06 18.93 12.01
CE MSE A 322 0.58 20.13 12.63
N ASN A 323 -1.76 14.95 15.07
CA ASN A 323 -2.37 14.53 16.33
C ASN A 323 -1.31 13.83 17.19
N ASP A 324 -0.06 13.77 16.69
CA ASP A 324 1.08 13.15 17.41
C ASP A 324 1.98 14.34 17.83
N PRO A 325 1.97 14.70 19.12
CA PRO A 325 2.77 15.83 19.61
C PRO A 325 4.25 15.85 19.20
N LEU A 326 4.84 14.67 19.06
CA LEU A 326 6.26 14.58 18.68
C LEU A 326 6.45 15.09 17.24
N PHE A 327 5.50 14.77 16.37
CA PHE A 327 5.55 15.24 14.98
C PHE A 327 5.38 16.75 14.94
N VAL A 328 4.41 17.30 15.71
CA VAL A 328 4.20 18.75 15.72
C VAL A 328 5.48 19.47 16.25
N ALA A 329 6.07 18.93 17.31
CA ALA A 329 7.26 19.54 17.89
C ALA A 329 8.41 19.49 16.90
N TYR A 330 8.53 18.39 16.17
CA TYR A 330 9.61 18.24 15.16
C TYR A 330 9.39 19.27 14.04
N MSE A 331 8.17 19.34 13.54
CA MSE A 331 7.83 20.31 12.50
C MSE A 331 8.19 21.76 12.96
O MSE A 331 8.79 22.54 12.23
CB MSE A 331 6.34 20.24 12.19
CG MSE A 331 5.87 21.39 11.22
SE MSE A 331 4.00 21.11 10.75
CE MSE A 331 3.55 22.75 9.92
N ARG A 332 7.78 22.11 14.18
CA ARG A 332 8.08 23.44 14.66
C ARG A 332 9.58 23.67 14.81
N ALA A 333 10.33 22.63 15.20
CA ALA A 333 11.80 22.79 15.38
C ALA A 333 12.40 22.99 13.98
N TYR A 334 11.94 22.19 13.01
CA TYR A 334 12.45 22.33 11.62
C TYR A 334 12.16 23.78 11.09
N MSE A 335 10.92 24.22 11.22
CA MSE A 335 10.55 25.55 10.76
C MSE A 335 11.29 26.66 11.50
O MSE A 335 11.75 27.64 10.88
CB MSE A 335 9.04 25.82 10.89
CG MSE A 335 8.16 24.91 10.06
SE MSE A 335 6.35 25.57 9.93
CE MSE A 335 5.92 25.44 11.85
N ASP A 336 11.39 26.53 12.83
CA ASP A 336 11.99 27.61 13.62
C ASP A 336 13.50 27.72 13.59
N LEU A 337 14.16 26.56 13.67
CA LEU A 337 15.61 26.55 13.74
C LEU A 337 16.32 26.41 12.41
N ASP A 338 15.71 25.70 11.47
CA ASP A 338 16.39 25.47 10.21
C ASP A 338 15.97 26.37 9.05
N VAL A 339 14.66 26.49 8.83
CA VAL A 339 14.18 27.32 7.72
C VAL A 339 14.09 28.82 8.01
N THR A 340 13.42 29.17 9.11
CA THR A 340 13.21 30.59 9.40
C THR A 340 14.45 31.48 9.30
N PRO A 341 15.59 31.05 9.85
CA PRO A 341 16.76 31.94 9.75
C PRO A 341 17.20 32.21 8.30
N ASN A 342 16.74 31.40 7.34
CA ASN A 342 17.15 31.60 5.95
C ASN A 342 16.25 32.55 5.18
N LEU A 343 15.11 32.90 5.77
CA LEU A 343 14.14 33.71 5.06
C LEU A 343 14.27 35.21 5.12
N ALA A 344 14.11 35.83 3.96
CA ALA A 344 14.12 37.29 3.88
C ALA A 344 12.72 37.70 4.33
N PRO A 345 12.59 38.94 4.82
CA PRO A 345 11.30 39.44 5.28
C PRO A 345 10.28 39.36 4.12
N VAL A 346 9.04 39.05 4.46
CA VAL A 346 7.99 38.95 3.46
C VAL A 346 7.00 40.09 3.72
N PRO A 347 6.86 41.02 2.75
CA PRO A 347 5.92 42.15 2.94
C PRO A 347 4.52 41.77 3.34
N GLY A 348 4.03 42.34 4.43
CA GLY A 348 2.67 42.06 4.84
C GLY A 348 2.40 40.76 5.57
N ILE A 349 3.46 39.99 5.86
CA ILE A 349 3.31 38.72 6.55
C ILE A 349 4.25 38.54 7.76
N ASP A 350 3.67 38.20 8.91
CA ASP A 350 4.48 37.95 10.10
C ASP A 350 4.83 36.45 10.07
N LEU A 351 6.12 36.10 10.05
CA LEU A 351 6.48 34.67 9.96
C LEU A 351 6.04 33.84 11.16
N THR A 352 6.05 34.42 12.37
CA THR A 352 5.61 33.65 13.53
C THR A 352 4.14 33.28 13.34
N ASP A 353 3.31 34.24 12.92
CA ASP A 353 1.88 33.97 12.71
C ASP A 353 1.69 32.94 11.58
N TYR A 354 2.47 33.13 10.53
CA TYR A 354 2.37 32.25 9.36
C TYR A 354 2.70 30.79 9.75
N LYS A 355 3.77 30.60 10.50
CA LYS A 355 4.14 29.24 10.89
C LYS A 355 3.03 28.59 11.69
N GLN A 356 2.41 29.39 12.55
CA GLN A 356 1.31 28.84 13.35
C GLN A 356 0.15 28.48 12.44
N THR A 357 -0.11 29.28 11.41
CA THR A 357 -1.23 28.92 10.53
C THR A 357 -0.93 27.63 9.77
N LEU A 358 0.35 27.32 9.53
CA LEU A 358 0.63 26.07 8.81
C LEU A 358 0.27 24.91 9.75
N VAL A 359 0.58 25.05 11.04
CA VAL A 359 0.24 23.97 11.98
C VAL A 359 -1.31 23.79 12.00
N ASP A 360 -2.01 24.92 12.04
CA ASP A 360 -3.49 24.91 12.04
C ASP A 360 -4.03 24.23 10.77
N ARG A 361 -3.49 24.63 9.62
CA ARG A 361 -3.95 24.07 8.35
C ARG A 361 -3.63 22.59 8.20
N PHE A 362 -2.48 22.16 8.66
CA PHE A 362 -2.15 20.74 8.57
C PHE A 362 -3.00 19.94 9.57
N SER A 363 -3.44 20.60 10.65
CA SER A 363 -4.25 19.95 11.69
C SER A 363 -5.74 19.80 11.35
N ASN A 364 -6.13 20.27 10.16
CA ASN A 364 -7.49 20.16 9.64
C ASN A 364 -7.87 18.66 9.62
N GLN A 365 -8.77 18.23 10.52
CA GLN A 365 -9.16 16.83 10.60
C GLN A 365 -10.16 16.42 9.52
N ALA A 366 -10.99 17.36 9.10
CA ALA A 366 -12.04 17.05 8.13
C ALA A 366 -11.55 16.77 6.73
N ILE A 367 -10.41 17.32 6.36
CA ILE A 367 -9.96 17.16 4.97
C ILE A 367 -9.38 15.81 4.57
N ALA A 368 -8.81 15.08 5.53
CA ALA A 368 -8.22 13.77 5.22
C ALA A 368 -7.22 13.75 4.03
N ASP A 369 -6.20 14.59 4.12
CA ASP A 369 -5.19 14.65 3.06
C ASP A 369 -4.30 13.40 3.23
N GLN A 370 -4.13 12.64 2.15
CA GLN A 370 -3.40 11.37 2.17
C GLN A 370 -1.89 11.51 2.19
N LEU A 371 -1.24 10.82 3.12
CA LEU A 371 0.22 10.87 3.18
C LEU A 371 0.73 10.27 1.88
N GLU A 372 -0.04 9.35 1.25
CA GLU A 372 0.44 8.80 -0.01
C GLU A 372 0.61 9.94 -1.04
N ARG A 373 -0.29 10.92 -1.02
CA ARG A 373 -0.19 12.03 -1.93
C ARG A 373 1.07 12.89 -1.66
N VAL A 374 1.26 13.25 -0.40
CA VAL A 374 2.40 14.09 0.00
C VAL A 374 3.71 13.30 -0.26
N CYS A 375 3.71 12.00 0.02
CA CYS A 375 4.90 11.17 -0.19
C CYS A 375 5.27 11.02 -1.62
N SER A 376 4.25 11.03 -2.49
CA SER A 376 4.54 10.75 -3.89
C SER A 376 5.56 11.62 -4.57
N ASP A 377 6.36 10.98 -5.44
CA ASP A 377 7.34 11.73 -6.21
C ASP A 377 8.42 12.46 -5.41
N GLY A 378 8.90 11.83 -4.35
CA GLY A 378 9.95 12.43 -3.56
C GLY A 378 11.20 12.70 -4.41
N SER A 379 11.45 11.86 -5.43
CA SER A 379 12.65 12.09 -6.24
C SER A 379 12.61 13.48 -6.87
N SER A 380 11.43 13.94 -7.25
CA SER A 380 11.28 15.29 -7.83
C SER A 380 11.09 16.39 -6.76
N LYS A 381 10.44 16.03 -5.65
CA LYS A 381 10.17 17.04 -4.60
C LYS A 381 11.36 17.42 -3.74
N PHE A 382 12.26 16.48 -3.45
CA PHE A 382 13.37 16.79 -2.57
C PHE A 382 14.20 17.98 -3.06
N PRO A 383 14.58 18.00 -4.35
CA PRO A 383 15.38 19.17 -4.78
C PRO A 383 14.67 20.53 -4.73
N LYS A 384 13.34 20.52 -4.71
CA LYS A 384 12.54 21.75 -4.66
C LYS A 384 12.17 22.17 -3.24
N PHE A 385 11.87 21.18 -2.39
CA PHE A 385 11.34 21.50 -1.06
C PHE A 385 12.29 21.46 0.11
N THR A 386 13.32 20.64 -0.01
CA THR A 386 14.17 20.34 1.12
C THR A 386 15.66 20.59 0.92
N VAL A 387 16.19 20.20 -0.24
CA VAL A 387 17.61 20.37 -0.46
C VAL A 387 18.09 21.83 -0.37
N PRO A 388 17.29 22.81 -0.85
CA PRO A 388 17.80 24.18 -0.74
C PRO A 388 18.08 24.55 0.71
N THR A 389 17.16 24.15 1.60
CA THR A 389 17.34 24.40 3.04
C THR A 389 18.60 23.66 3.54
N ILE A 390 18.78 22.39 3.15
CA ILE A 390 19.94 21.66 3.61
C ILE A 390 21.22 22.33 3.13
N ASN A 391 21.25 22.78 1.88
CA ASN A 391 22.48 23.39 1.37
C ASN A 391 22.88 24.63 2.19
N ARG A 392 21.88 25.38 2.60
CA ARG A 392 22.16 26.58 3.39
C ARG A 392 22.72 26.19 4.77
N LEU A 393 22.13 25.17 5.38
CA LEU A 393 22.64 24.75 6.69
C LEU A 393 24.09 24.30 6.55
N ILE A 394 24.36 23.53 5.50
CA ILE A 394 25.73 23.03 5.28
C ILE A 394 26.68 24.19 5.07
N ALA A 395 26.30 25.14 4.24
CA ALA A 395 27.18 26.27 3.97
C ALA A 395 27.44 27.08 5.23
N ASP A 396 26.40 27.27 6.05
CA ASP A 396 26.51 28.01 7.31
C ASP A 396 27.21 27.26 8.43
N GLY A 397 27.41 25.95 8.25
CA GLY A 397 27.99 25.15 9.31
C GLY A 397 27.00 24.97 10.45
N ARG A 398 25.71 24.98 10.12
CA ARG A 398 24.67 24.81 11.13
C ARG A 398 24.22 23.34 11.25
N GLU A 399 23.55 23.02 12.35
CA GLU A 399 23.06 21.66 12.65
C GLU A 399 22.18 21.15 11.51
N THR A 400 22.54 19.99 10.94
CA THR A 400 21.77 19.45 9.83
C THR A 400 20.89 18.25 10.22
N GLU A 401 21.00 17.76 11.45
CA GLU A 401 20.26 16.53 11.82
C GLU A 401 18.75 16.53 11.59
N ARG A 402 18.04 17.60 11.86
CA ARG A 402 16.57 17.56 11.63
C ARG A 402 16.26 17.40 10.14
N ALA A 403 17.03 18.11 9.31
CA ALA A 403 16.86 18.04 7.86
C ALA A 403 17.36 16.68 7.33
N ALA A 404 18.44 16.17 7.90
CA ALA A 404 18.94 14.87 7.46
C ALA A 404 17.93 13.78 7.77
N LEU A 405 17.19 13.95 8.86
CA LEU A 405 16.18 12.93 9.25
C LEU A 405 15.13 12.80 8.15
N VAL A 406 14.82 13.92 7.50
CA VAL A 406 13.82 13.86 6.42
C VAL A 406 14.35 12.94 5.31
N VAL A 407 15.63 13.08 4.97
CA VAL A 407 16.23 12.27 3.92
C VAL A 407 16.39 10.79 4.36
N ALA A 408 16.71 10.60 5.66
CA ALA A 408 16.88 9.25 6.19
C ALA A 408 15.51 8.57 6.22
N ALA A 409 14.48 9.34 6.56
CA ALA A 409 13.10 8.80 6.58
C ALA A 409 12.75 8.34 5.18
N TRP A 410 13.03 9.16 4.15
CA TRP A 410 12.72 8.76 2.77
C TRP A 410 13.49 7.47 2.42
N ALA A 411 14.78 7.41 2.76
CA ALA A 411 15.56 6.20 2.46
C ALA A 411 14.94 4.94 3.06
N LEU A 412 14.53 4.99 4.33
CA LEU A 412 13.93 3.77 4.94
C LEU A 412 12.57 3.51 4.32
N TYR A 413 11.81 4.59 4.12
CA TYR A 413 10.51 4.49 3.47
C TYR A 413 10.65 3.79 2.10
N LEU A 414 11.74 4.02 1.37
CA LEU A 414 11.91 3.39 0.07
C LEU A 414 12.01 1.85 0.14
N LYS A 415 12.24 1.30 1.33
CA LYS A 415 12.32 -0.15 1.45
C LYS A 415 10.92 -0.75 1.41
N GLY A 416 9.91 0.10 1.50
CA GLY A 416 8.52 -0.33 1.38
C GLY A 416 7.79 -1.15 2.43
N VAL A 417 8.18 -1.05 3.69
CA VAL A 417 7.49 -1.77 4.76
C VAL A 417 7.36 -0.83 5.94
N ASP A 418 6.15 -0.64 6.45
CA ASP A 418 5.99 0.22 7.60
C ASP A 418 6.17 -0.46 8.96
N GLU A 419 6.06 0.31 10.03
CA GLU A 419 6.29 -0.26 11.36
C GLU A 419 5.21 -1.21 11.82
N ASN A 420 4.15 -1.34 11.04
CA ASN A 420 3.08 -2.25 11.44
C ASN A 420 3.25 -3.54 10.66
N GLY A 421 4.37 -3.62 9.94
CA GLY A 421 4.68 -4.79 9.14
C GLY A 421 4.00 -4.78 7.79
N VAL A 422 3.39 -3.66 7.40
CA VAL A 422 2.69 -3.58 6.11
C VAL A 422 3.55 -3.14 4.92
N SER A 423 3.50 -3.93 3.83
CA SER A 423 4.24 -3.71 2.58
C SER A 423 3.45 -2.81 1.62
N TYR A 424 4.11 -1.80 1.04
CA TYR A 424 3.43 -0.86 0.14
C TYR A 424 4.31 -0.55 -1.06
N THR A 425 3.70 -0.04 -2.14
CA THR A 425 4.52 0.28 -3.31
C THR A 425 4.87 1.78 -3.26
N ILE A 426 5.86 2.18 -4.05
CA ILE A 426 6.38 3.56 -4.06
C ILE A 426 5.82 4.37 -5.23
N PRO A 427 4.92 5.37 -4.97
CA PRO A 427 4.36 6.18 -6.05
C PRO A 427 5.34 7.28 -6.44
N ASP A 428 6.33 6.92 -7.25
CA ASP A 428 7.37 7.84 -7.68
C ASP A 428 7.72 7.47 -9.12
N PRO A 429 7.86 8.46 -10.01
CA PRO A 429 8.20 8.16 -11.41
C PRO A 429 9.54 7.42 -11.56
N ARG A 430 10.34 7.47 -10.50
CA ARG A 430 11.64 6.78 -10.50
C ARG A 430 11.72 5.74 -9.41
N ALA A 431 10.58 5.14 -9.07
CA ALA A 431 10.51 4.16 -8.01
C ALA A 431 11.54 3.04 -8.07
N GLU A 432 11.64 2.36 -9.21
CA GLU A 432 12.58 1.24 -9.31
C GLU A 432 14.03 1.66 -9.05
N PHE A 433 14.45 2.73 -9.70
CA PHE A 433 15.79 3.28 -9.57
C PHE A 433 16.11 3.64 -8.11
N CYS A 434 15.20 4.37 -7.46
CA CYS A 434 15.38 4.80 -6.07
C CYS A 434 15.42 3.59 -5.15
N GLN A 435 14.50 2.65 -5.34
CA GLN A 435 14.52 1.48 -4.48
C GLN A 435 15.85 0.72 -4.55
N GLY A 436 16.47 0.69 -5.72
CA GLY A 436 17.75 -0.02 -5.83
C GLY A 436 18.86 0.66 -5.03
N LEU A 437 18.75 1.97 -4.84
CA LEU A 437 19.79 2.69 -4.10
C LEU A 437 19.81 2.34 -2.61
N VAL A 438 18.73 1.76 -2.11
CA VAL A 438 18.68 1.46 -0.69
C VAL A 438 18.68 -0.03 -0.38
N SER A 439 19.08 -0.83 -1.35
CA SER A 439 19.08 -2.28 -1.16
C SER A 439 20.19 -2.80 -0.23
N ASP A 440 21.25 -2.01 -0.04
CA ASP A 440 22.36 -2.41 0.83
C ASP A 440 22.65 -1.37 1.92
N ASP A 441 22.23 -1.64 3.16
CA ASP A 441 22.45 -0.69 4.25
C ASP A 441 23.86 -0.12 4.32
N ALA A 442 24.85 -0.92 3.94
CA ALA A 442 26.24 -0.49 4.00
C ALA A 442 26.62 0.55 2.96
N LEU A 443 25.86 0.58 1.88
CA LEU A 443 26.12 1.50 0.78
C LEU A 443 25.04 2.55 0.57
N ILE A 444 24.07 2.63 1.48
CA ILE A 444 23.01 3.60 1.27
C ILE A 444 23.47 5.04 1.15
N SER A 445 24.22 5.56 2.13
CA SER A 445 24.64 6.95 2.01
C SER A 445 25.47 7.18 0.78
N GLN A 446 26.35 6.23 0.42
CA GLN A 446 27.17 6.40 -0.77
C GLN A 446 26.38 6.43 -2.06
N ARG A 447 25.38 5.56 -2.17
CA ARG A 447 24.59 5.47 -3.39
C ARG A 447 23.43 6.44 -3.47
N LEU A 448 22.65 6.52 -2.40
CA LEU A 448 21.48 7.40 -2.44
C LEU A 448 21.89 8.86 -2.55
N LEU A 449 22.84 9.27 -1.71
CA LEU A 449 23.24 10.67 -1.70
C LEU A 449 24.04 11.12 -2.91
N ALA A 450 24.49 10.17 -3.73
CA ALA A 450 25.25 10.50 -4.92
C ALA A 450 24.41 10.80 -6.13
N VAL A 451 23.07 10.78 -6.03
CA VAL A 451 22.23 11.13 -7.19
C VAL A 451 22.11 12.65 -7.28
N GLU A 452 22.95 13.24 -8.14
CA GLU A 452 23.02 14.68 -8.28
C GLU A 452 21.75 15.44 -8.60
N GLU A 453 20.91 14.90 -9.51
CA GLU A 453 19.69 15.62 -9.86
C GLU A 453 18.65 15.63 -8.72
N ILE A 454 18.92 14.87 -7.65
CA ILE A 454 18.03 14.88 -6.48
C ILE A 454 18.70 15.68 -5.35
N PHE A 455 19.95 15.33 -5.00
CA PHE A 455 20.66 15.94 -3.87
C PHE A 455 21.75 16.98 -4.08
N GLY A 456 22.17 17.17 -5.32
CA GLY A 456 23.20 18.16 -5.59
C GLY A 456 24.58 17.72 -5.16
N THR A 457 25.54 18.65 -5.11
CA THR A 457 26.88 18.27 -4.75
C THR A 457 27.34 18.61 -3.33
N ALA A 458 26.66 19.53 -2.65
CA ALA A 458 27.07 19.86 -1.29
C ALA A 458 26.79 18.70 -0.35
N ILE A 459 25.60 18.13 -0.46
CA ILE A 459 25.22 17.02 0.42
C ILE A 459 26.16 15.79 0.48
N PRO A 460 26.48 15.18 -0.66
CA PRO A 460 27.38 14.02 -0.51
C PRO A 460 28.79 14.37 -0.09
N ASN A 461 29.18 15.63 -0.26
CA ASN A 461 30.53 16.06 0.10
C ASN A 461 30.65 16.70 1.50
N SER A 462 29.58 16.57 2.30
CA SER A 462 29.55 17.12 3.64
C SER A 462 29.65 15.98 4.65
N PRO A 463 30.82 15.80 5.27
CA PRO A 463 30.92 14.70 6.24
C PRO A 463 29.90 14.87 7.37
N GLU A 464 29.66 16.13 7.76
CA GLU A 464 28.72 16.39 8.85
C GLU A 464 27.31 15.97 8.43
N PHE A 465 26.91 16.28 7.19
CA PHE A 465 25.56 15.87 6.76
C PHE A 465 25.48 14.35 6.62
N VAL A 466 26.50 13.76 5.99
CA VAL A 466 26.52 12.31 5.82
C VAL A 466 26.43 11.61 7.16
N ALA A 467 27.15 12.12 8.15
CA ALA A 467 27.08 11.48 9.47
C ALA A 467 25.70 11.55 10.09
N ALA A 468 25.03 12.71 9.94
CA ALA A 468 23.69 12.93 10.49
C ALA A 468 22.73 12.01 9.78
N PHE A 469 22.88 11.89 8.47
CA PHE A 469 22.05 11.01 7.70
C PHE A 469 22.20 9.57 8.16
N GLU A 470 23.44 9.11 8.27
CA GLU A 470 23.65 7.72 8.68
C GLU A 470 23.11 7.39 10.06
N ARG A 471 23.29 8.28 11.02
CA ARG A 471 22.81 7.97 12.37
C ARG A 471 21.28 8.03 12.44
N CYS A 472 20.69 8.95 11.68
CA CYS A 472 19.23 9.03 11.65
C CYS A 472 18.66 7.75 11.02
N TYR A 473 19.26 7.31 9.92
CA TYR A 473 18.78 6.12 9.25
C TYR A 473 18.92 4.91 10.19
N GLY A 474 20.09 4.74 10.81
CA GLY A 474 20.26 3.61 11.72
C GLY A 474 19.25 3.66 12.86
N SER A 475 19.01 4.85 13.39
CA SER A 475 18.09 4.99 14.49
C SER A 475 16.65 4.62 14.05
N LEU A 476 16.26 5.06 12.87
CA LEU A 476 14.90 4.75 12.44
C LEU A 476 14.76 3.25 12.25
N ARG A 477 15.73 2.64 11.57
CA ARG A 477 15.70 1.19 11.33
C ARG A 477 15.68 0.40 12.65
N ASP A 478 16.50 0.80 13.61
CA ASP A 478 16.61 0.05 14.86
C ASP A 478 15.68 0.44 16.01
N ASN A 479 15.45 1.73 16.20
CA ASN A 479 14.63 2.16 17.31
C ASN A 479 13.25 2.63 16.90
N GLY A 480 13.04 2.80 15.60
CA GLY A 480 11.73 3.25 15.11
C GLY A 480 11.58 4.76 15.11
N VAL A 481 10.53 5.23 14.44
CA VAL A 481 10.22 6.65 14.34
C VAL A 481 10.03 7.39 15.65
N THR A 482 9.16 6.86 16.52
CA THR A 482 8.87 7.54 17.77
C THR A 482 10.08 7.80 18.65
N THR A 483 10.86 6.75 18.88
CA THR A 483 12.04 6.91 19.73
C THR A 483 13.05 7.83 19.07
N THR A 484 13.19 7.72 17.77
CA THR A 484 14.14 8.59 17.07
C THR A 484 13.76 10.08 17.29
N LEU A 485 12.46 10.39 17.18
CA LEU A 485 12.00 11.76 17.38
C LEU A 485 12.19 12.19 18.82
N LYS A 486 11.96 11.28 19.75
CA LYS A 486 12.12 11.64 21.15
C LYS A 486 13.56 12.08 21.41
N HIS A 487 14.51 11.33 20.89
CA HIS A 487 15.91 11.69 21.12
C HIS A 487 16.25 12.99 20.45
N LEU A 488 15.86 13.12 19.18
CA LEU A 488 16.14 14.33 18.42
C LEU A 488 15.57 15.59 19.06
N LEU A 489 14.38 15.49 19.64
CA LEU A 489 13.73 16.66 20.23
C LEU A 489 14.41 17.19 21.49
N LYS A 490 15.09 16.32 22.22
CA LYS A 490 15.83 16.76 23.41
C LYS A 490 17.24 17.06 22.86
N LYS A 491 17.31 18.01 21.95
CA LYS A 491 18.57 18.43 21.33
C LYS A 491 18.52 19.94 21.14
N PRO A 492 19.51 20.68 21.68
CA PRO A 492 19.60 22.14 21.59
C PRO A 492 19.92 22.66 20.16
N MSE B 1 18.00 -6.21 26.53
CA MSE B 1 18.83 -7.45 26.68
C MSE B 1 18.58 -8.35 25.48
O MSE B 1 17.49 -8.87 25.30
CB MSE B 1 18.45 -8.20 27.97
CG MSE B 1 19.22 -9.49 28.19
SE MSE B 1 21.06 -9.13 28.80
CE MSE B 1 20.57 -8.31 30.49
N LYS B 2 19.61 -8.56 24.67
CA LYS B 2 19.51 -9.38 23.48
C LYS B 2 19.22 -10.82 23.86
N LEU B 3 18.24 -11.42 23.18
CA LEU B 3 17.93 -12.82 23.45
C LEU B 3 18.98 -13.73 22.80
N ASN B 4 19.60 -14.58 23.64
CA ASN B 4 20.54 -15.58 23.18
C ASN B 4 20.78 -16.56 24.34
N LYS B 5 21.55 -17.63 24.13
CA LYS B 5 21.70 -18.58 25.24
C LYS B 5 22.41 -18.00 26.45
N GLN B 6 23.36 -17.12 26.20
CA GLN B 6 24.12 -16.49 27.29
C GLN B 6 23.28 -15.58 28.17
N ASN B 7 22.28 -14.92 27.58
CA ASN B 7 21.44 -14.01 28.37
C ASN B 7 20.14 -14.64 28.83
N LEU B 8 19.92 -15.90 28.45
CA LEU B 8 18.68 -16.57 28.79
C LEU B 8 18.24 -16.46 30.26
N THR B 9 19.20 -16.51 31.20
CA THR B 9 18.85 -16.41 32.62
C THR B 9 18.86 -14.97 33.12
N GLN B 10 19.15 -14.05 32.19
CA GLN B 10 19.25 -12.62 32.46
C GLN B 10 18.07 -11.74 32.02
N LEU B 11 16.90 -12.35 31.81
CA LEU B 11 15.72 -11.59 31.36
C LEU B 11 14.79 -11.17 32.49
N ALA B 12 13.85 -10.30 32.17
CA ALA B 12 12.90 -9.82 33.14
C ALA B 12 12.22 -11.01 33.80
N PRO B 13 11.83 -10.86 35.09
CA PRO B 13 11.17 -11.82 35.97
C PRO B 13 9.99 -12.57 35.38
N GLU B 14 9.11 -11.85 34.68
CA GLU B 14 7.90 -12.45 34.11
C GLU B 14 8.12 -13.34 32.87
N VAL B 15 9.31 -13.27 32.27
CA VAL B 15 9.58 -14.05 31.09
C VAL B 15 9.76 -15.54 31.40
N LYS B 16 8.89 -16.38 30.82
CA LYS B 16 8.97 -17.83 31.02
C LYS B 16 10.11 -18.38 30.18
N LEU B 17 10.79 -19.40 30.73
CA LEU B 17 11.95 -19.99 30.07
C LEU B 17 11.91 -21.49 29.88
N PRO B 18 12.62 -21.98 28.87
CA PRO B 18 12.62 -23.42 28.66
C PRO B 18 13.15 -24.05 29.96
N ALA B 19 12.49 -25.11 30.41
CA ALA B 19 12.85 -25.79 31.64
C ALA B 19 13.84 -26.93 31.42
N TYR B 20 14.12 -27.22 30.15
CA TYR B 20 15.02 -28.30 29.78
C TYR B 20 16.39 -27.77 29.37
N THR B 21 17.38 -28.65 29.40
CA THR B 21 18.73 -28.31 29.01
C THR B 21 18.75 -28.36 27.49
N LEU B 22 18.92 -27.20 26.88
CA LEU B 22 18.89 -27.08 25.43
C LEU B 22 19.87 -28.01 24.73
N ALA B 23 21.08 -28.11 25.28
CA ALA B 23 22.11 -28.97 24.72
C ALA B 23 21.73 -30.46 24.74
N ASP B 24 20.79 -30.86 25.60
CA ASP B 24 20.35 -32.27 25.68
C ASP B 24 19.29 -32.66 24.63
N THR B 25 18.66 -31.68 23.99
CA THR B 25 17.66 -32.03 22.98
C THR B 25 18.27 -32.56 21.69
N ARG B 26 17.52 -33.41 20.98
CA ARG B 26 17.95 -33.96 19.70
C ARG B 26 16.77 -33.81 18.72
N GLN B 27 17.06 -33.67 17.43
CA GLN B 27 16.00 -33.47 16.46
C GLN B 27 15.18 -34.68 16.03
N GLY B 28 13.88 -34.48 15.85
CA GLY B 28 13.02 -35.55 15.38
C GLY B 28 12.03 -35.05 14.33
N ILE B 29 11.89 -33.73 14.21
CA ILE B 29 10.95 -33.15 13.21
C ILE B 29 11.70 -32.21 12.27
N ALA B 30 11.42 -32.29 10.96
CA ALA B 30 11.99 -31.34 10.02
C ALA B 30 10.74 -30.56 9.59
N HIS B 31 10.72 -29.25 9.80
CA HIS B 31 9.56 -28.47 9.45
C HIS B 31 9.80 -27.57 8.27
N ILE B 32 9.02 -27.78 7.22
CA ILE B 32 9.17 -26.97 6.00
C ILE B 32 8.25 -25.76 6.02
N GLY B 33 8.86 -24.57 5.99
CA GLY B 33 8.11 -23.32 5.98
C GLY B 33 8.10 -22.72 7.37
N VAL B 34 9.25 -22.23 7.84
CA VAL B 34 9.32 -21.67 9.20
C VAL B 34 8.77 -20.24 9.26
N GLY B 35 7.48 -20.09 9.50
CA GLY B 35 6.92 -18.75 9.59
C GLY B 35 6.38 -18.54 10.99
N GLY B 36 5.53 -17.54 11.15
CA GLY B 36 4.98 -17.26 12.45
C GLY B 36 4.09 -18.37 12.99
N PHE B 37 3.20 -18.90 12.15
CA PHE B 37 2.30 -19.91 12.67
C PHE B 37 3.00 -21.17 13.18
N HIS B 38 3.99 -21.64 12.46
CA HIS B 38 4.68 -22.85 12.92
C HIS B 38 5.28 -22.60 14.32
N ARG B 39 5.92 -21.44 14.45
CA ARG B 39 6.57 -21.11 15.72
C ARG B 39 5.58 -20.93 16.87
N ALA B 40 4.39 -20.41 16.59
CA ALA B 40 3.41 -20.16 17.64
C ALA B 40 2.51 -21.37 17.93
N HIS B 41 2.62 -22.40 17.10
CA HIS B 41 1.72 -23.55 17.20
C HIS B 41 2.49 -24.86 17.35
N GLN B 42 3.03 -25.45 16.28
CA GLN B 42 3.75 -26.71 16.46
C GLN B 42 4.98 -26.56 17.35
N ALA B 43 5.75 -25.49 17.16
CA ALA B 43 6.95 -25.31 18.02
C ALA B 43 6.55 -25.08 19.46
N TYR B 44 5.46 -24.34 19.64
CA TYR B 44 4.93 -24.04 20.96
C TYR B 44 4.53 -25.31 21.75
N TYR B 45 3.72 -26.15 21.12
CA TYR B 45 3.30 -27.40 21.80
C TYR B 45 4.49 -28.31 22.05
N THR B 46 5.44 -28.35 21.13
CA THR B 46 6.60 -29.21 21.32
C THR B 46 7.45 -28.74 22.52
N ASP B 47 7.67 -27.43 22.60
CA ASP B 47 8.42 -26.82 23.70
C ASP B 47 7.65 -27.10 25.01
N ALA B 48 6.32 -27.03 24.96
CA ALA B 48 5.52 -27.26 26.16
C ALA B 48 5.74 -28.68 26.68
N LEU B 49 5.83 -29.61 25.76
CA LEU B 49 6.04 -31.02 26.15
C LEU B 49 7.44 -31.16 26.74
N MSE B 50 8.43 -30.56 26.10
CA MSE B 50 9.79 -30.64 26.62
C MSE B 50 9.90 -30.05 28.02
O MSE B 50 10.72 -30.52 28.83
CB MSE B 50 10.76 -29.94 25.70
CG MSE B 50 10.99 -30.71 24.43
SE MSE B 50 12.11 -29.58 23.28
CE MSE B 50 12.09 -30.75 21.82
N ASN B 51 9.11 -29.03 28.32
CA ASN B 51 9.15 -28.43 29.64
C ASN B 51 8.64 -29.39 30.72
N THR B 52 7.94 -30.45 30.30
CA THR B 52 7.44 -31.42 31.28
C THR B 52 8.49 -32.51 31.49
N GLY B 53 9.58 -32.46 30.72
CA GLY B 53 10.63 -33.43 30.88
C GLY B 53 10.69 -34.57 29.88
N GLU B 54 9.74 -34.59 28.95
CA GLU B 54 9.70 -35.64 27.95
C GLU B 54 9.81 -35.04 26.55
N GLY B 55 10.02 -35.90 25.56
CA GLY B 55 10.07 -35.45 24.18
C GLY B 55 11.29 -34.64 23.82
N LEU B 56 12.36 -34.75 24.60
CA LEU B 56 13.55 -33.98 24.30
C LEU B 56 14.22 -34.40 22.98
N ASP B 57 13.85 -35.58 22.47
CA ASP B 57 14.37 -36.07 21.20
C ASP B 57 13.46 -35.65 20.02
N TRP B 58 12.58 -34.69 20.26
CA TRP B 58 11.68 -34.24 19.18
C TRP B 58 11.92 -32.75 18.82
N SER B 59 13.19 -32.35 18.89
CA SER B 59 13.54 -30.97 18.52
C SER B 59 13.26 -30.78 17.05
N ILE B 60 13.01 -29.54 16.65
CA ILE B 60 12.70 -29.22 15.27
C ILE B 60 13.87 -28.63 14.49
N CYS B 61 14.09 -29.09 13.27
CA CYS B 61 15.08 -28.49 12.41
C CYS B 61 14.22 -27.76 11.38
N GLY B 62 14.32 -26.43 11.32
CA GLY B 62 13.54 -25.71 10.33
C GLY B 62 14.10 -25.90 8.92
N VAL B 63 13.23 -25.70 7.92
CA VAL B 63 13.65 -25.85 6.55
C VAL B 63 13.06 -24.69 5.76
N GLY B 64 13.94 -23.98 5.06
CA GLY B 64 13.49 -22.86 4.25
C GLY B 64 13.79 -23.13 2.78
N LEU B 65 12.75 -23.12 1.96
CA LEU B 65 12.90 -23.37 0.53
C LEU B 65 13.00 -22.11 -0.33
N ARG B 66 12.69 -20.94 0.24
CA ARG B 66 12.68 -19.71 -0.54
C ARG B 66 13.76 -18.72 -0.14
N SER B 67 14.15 -17.88 -1.09
CA SER B 67 15.22 -16.92 -0.81
C SER B 67 14.84 -16.01 0.35
N GLU B 68 13.56 -15.69 0.50
CA GLU B 68 13.17 -14.81 1.61
C GLU B 68 13.35 -15.46 2.98
N ASP B 69 13.54 -16.78 3.01
CA ASP B 69 13.74 -17.53 4.26
C ASP B 69 15.10 -17.30 4.93
N ARG B 70 16.06 -16.73 4.19
CA ARG B 70 17.39 -16.49 4.76
C ARG B 70 17.34 -15.54 5.97
N LYS B 71 16.47 -14.55 5.89
CA LYS B 71 16.30 -13.58 6.98
C LYS B 71 15.92 -14.31 8.27
N ALA B 72 14.95 -15.20 8.20
CA ALA B 72 14.52 -15.96 9.39
C ALA B 72 15.66 -16.81 9.97
N ARG B 73 16.40 -17.50 9.08
CA ARG B 73 17.52 -18.33 9.51
C ARG B 73 18.56 -17.44 10.21
N ASP B 74 18.96 -16.35 9.55
CA ASP B 74 19.95 -15.47 10.16
C ASP B 74 19.46 -14.89 11.50
N ASP B 75 18.20 -14.45 11.57
CA ASP B 75 17.71 -13.88 12.82
C ASP B 75 17.72 -14.91 13.96
N LEU B 76 17.26 -16.12 13.67
CA LEU B 76 17.27 -17.17 14.68
C LEU B 76 18.70 -17.59 15.03
N ALA B 77 19.55 -17.77 14.02
CA ALA B 77 20.92 -18.23 14.29
C ALA B 77 21.63 -17.27 15.24
N GLY B 78 21.32 -15.99 15.09
CA GLY B 78 21.92 -14.94 15.91
C GLY B 78 21.48 -14.98 17.37
N GLN B 79 20.46 -15.79 17.65
CA GLN B 79 19.92 -15.94 19.00
C GLN B 79 20.05 -17.40 19.48
N ASP B 80 20.92 -18.17 18.84
CA ASP B 80 21.12 -19.57 19.23
C ASP B 80 19.80 -20.34 19.07
N TYR B 81 19.04 -19.93 18.06
CA TYR B 81 17.74 -20.51 17.72
C TYR B 81 16.60 -20.35 18.71
N LEU B 82 16.81 -19.49 19.70
CA LEU B 82 15.77 -19.17 20.66
C LEU B 82 14.92 -18.01 20.09
N PHE B 83 13.65 -17.94 20.44
CA PHE B 83 12.81 -16.80 20.04
C PHE B 83 11.72 -16.59 21.09
N THR B 84 11.16 -15.39 21.12
CA THR B 84 10.13 -15.13 22.10
C THR B 84 8.75 -15.34 21.50
N LEU B 85 7.89 -16.04 22.25
CA LEU B 85 6.51 -16.20 21.86
C LEU B 85 5.83 -15.13 22.73
N TYR B 86 5.24 -14.14 22.08
CA TYR B 86 4.66 -12.99 22.78
C TYR B 86 3.15 -12.94 22.59
N GLU B 87 2.40 -13.36 23.61
CA GLU B 87 0.94 -13.36 23.54
C GLU B 87 0.43 -11.97 23.76
N LEU B 88 -0.52 -11.56 22.95
CA LEU B 88 -1.13 -10.24 23.09
C LEU B 88 -2.64 -10.47 23.11
N GLY B 89 -3.29 -9.91 24.12
CA GLY B 89 -4.73 -10.05 24.25
C GLY B 89 -5.28 -8.99 25.18
N ASP B 90 -6.60 -8.84 25.19
CA ASP B 90 -7.25 -7.82 26.02
C ASP B 90 -7.51 -8.32 27.44
N THR B 91 -6.96 -9.50 27.74
CA THR B 91 -7.13 -10.10 29.06
C THR B 91 -5.78 -10.02 29.74
N ASP B 92 -5.52 -11.02 30.57
CA ASP B 92 -4.26 -11.14 31.28
C ASP B 92 -3.87 -12.61 31.29
N ASP B 93 -4.43 -13.33 30.31
CA ASP B 93 -4.16 -14.75 30.08
C ASP B 93 -2.94 -14.74 29.17
N THR B 94 -2.18 -13.64 29.21
CA THR B 94 -1.03 -13.51 28.35
C THR B 94 0.32 -13.67 29.03
N GLU B 95 1.16 -14.48 28.41
CA GLU B 95 2.49 -14.73 28.93
C GLU B 95 3.49 -14.41 27.84
N VAL B 96 4.74 -14.17 28.24
CA VAL B 96 5.85 -13.90 27.33
C VAL B 96 6.73 -15.07 27.66
N ARG B 97 7.12 -15.85 26.64
CA ARG B 97 7.89 -17.07 26.85
C ARG B 97 8.94 -17.30 25.80
N VAL B 98 10.14 -17.67 26.24
CA VAL B 98 11.20 -18.01 25.28
C VAL B 98 11.02 -19.49 24.89
N ILE B 99 11.01 -19.76 23.59
CA ILE B 99 10.80 -21.10 23.04
C ILE B 99 12.12 -21.68 22.59
N GLY B 100 12.43 -22.90 23.01
CA GLY B 100 13.70 -23.51 22.62
C GLY B 100 13.58 -24.81 21.83
N SER B 101 12.39 -25.07 21.28
CA SER B 101 12.16 -26.31 20.55
C SER B 101 12.71 -26.35 19.14
N ILE B 102 13.16 -25.22 18.61
CA ILE B 102 13.78 -25.23 17.30
C ILE B 102 15.29 -25.14 17.51
N SER B 103 16.05 -26.08 16.95
CA SER B 103 17.49 -26.05 17.19
C SER B 103 18.36 -25.77 16.01
N ASP B 104 17.77 -25.61 14.83
CA ASP B 104 18.56 -25.29 13.66
C ASP B 104 17.57 -25.00 12.55
N MSE B 105 18.09 -24.48 11.45
CA MSE B 105 17.26 -24.21 10.29
C MSE B 105 18.15 -24.28 9.06
O MSE B 105 19.16 -23.58 9.00
CB MSE B 105 16.62 -22.84 10.38
CG MSE B 105 15.83 -22.51 9.11
SE MSE B 105 14.71 -20.94 9.37
CE MSE B 105 14.14 -20.70 7.56
N LEU B 106 17.82 -25.14 8.10
CA LEU B 106 18.62 -25.27 6.88
C LEU B 106 17.92 -24.59 5.71
N LEU B 107 18.70 -24.02 4.79
CA LEU B 107 18.12 -23.36 3.61
C LEU B 107 18.46 -24.18 2.37
N ALA B 108 17.47 -24.51 1.55
CA ALA B 108 17.72 -25.27 0.32
C ALA B 108 18.78 -24.56 -0.55
N GLU B 109 18.78 -23.24 -0.55
CA GLU B 109 19.73 -22.47 -1.36
C GLU B 109 21.19 -22.62 -0.96
N ASP B 110 21.44 -23.02 0.28
CA ASP B 110 22.81 -23.23 0.74
C ASP B 110 23.38 -24.57 0.24
N SER B 111 22.51 -25.56 0.03
CA SER B 111 22.91 -26.90 -0.46
C SER B 111 21.72 -27.84 -0.52
N ALA B 112 21.28 -28.24 -1.71
CA ALA B 112 20.16 -29.15 -1.77
C ALA B 112 20.52 -30.49 -1.10
N GLN B 113 21.77 -30.95 -1.28
CA GLN B 113 22.11 -32.24 -0.69
C GLN B 113 22.15 -32.20 0.84
N ALA B 114 22.63 -31.10 1.41
CA ALA B 114 22.64 -31.05 2.88
C ALA B 114 21.20 -31.18 3.40
N LEU B 115 20.26 -30.58 2.69
CA LEU B 115 18.85 -30.63 3.11
C LEU B 115 18.29 -32.05 2.91
N ILE B 116 18.59 -32.66 1.78
CA ILE B 116 18.14 -34.02 1.56
C ILE B 116 18.73 -34.92 2.67
N ASP B 117 20.01 -34.74 3.01
CA ASP B 117 20.62 -35.56 4.06
C ASP B 117 19.90 -35.40 5.40
N LYS B 118 19.50 -34.17 5.73
CA LYS B 118 18.79 -33.95 7.00
C LYS B 118 17.42 -34.65 6.95
N LEU B 119 16.67 -34.46 5.88
CA LEU B 119 15.38 -35.12 5.75
C LEU B 119 15.49 -36.66 5.69
N ALA B 120 16.67 -37.15 5.30
CA ALA B 120 16.91 -38.59 5.18
C ALA B 120 17.54 -39.17 6.44
N SER B 121 17.79 -38.33 7.43
CA SER B 121 18.39 -38.79 8.70
C SER B 121 17.43 -39.64 9.48
N PRO B 122 17.88 -40.79 9.97
CA PRO B 122 16.94 -41.63 10.72
C PRO B 122 16.28 -41.00 11.93
N GLU B 123 16.93 -40.02 12.55
CA GLU B 123 16.33 -39.38 13.72
C GLU B 123 15.12 -38.52 13.33
N ILE B 124 15.10 -38.04 12.08
CA ILE B 124 13.95 -37.23 11.58
C ILE B 124 12.83 -38.23 11.29
N ARG B 125 11.75 -38.15 12.07
CA ARG B 125 10.63 -39.11 11.98
C ARG B 125 9.34 -38.49 11.47
N ILE B 126 9.33 -37.16 11.44
CA ILE B 126 8.17 -36.43 10.97
C ILE B 126 8.65 -35.27 10.11
N VAL B 127 8.00 -35.05 8.97
CA VAL B 127 8.31 -33.86 8.17
C VAL B 127 6.98 -33.09 8.20
N SER B 128 6.95 -31.94 8.87
CA SER B 128 5.74 -31.15 9.02
C SER B 128 5.79 -29.99 8.03
N LEU B 129 4.59 -29.49 7.69
CA LEU B 129 4.48 -28.45 6.67
C LEU B 129 3.58 -27.25 6.99
N THR B 130 4.06 -26.05 6.65
CA THR B 130 3.21 -24.87 6.63
C THR B 130 3.69 -24.22 5.33
N ILE B 131 3.16 -24.73 4.22
CA ILE B 131 3.57 -24.24 2.90
C ILE B 131 2.51 -23.35 2.21
N THR B 132 1.55 -22.90 3.03
CA THR B 132 0.41 -22.03 2.67
C THR B 132 -0.72 -22.76 1.98
N GLU B 133 -1.87 -22.12 1.94
CA GLU B 133 -3.05 -22.76 1.37
C GLU B 133 -2.89 -23.21 -0.07
N GLY B 134 -2.14 -22.45 -0.85
CA GLY B 134 -1.96 -22.83 -2.24
C GLY B 134 -0.68 -23.59 -2.54
N GLY B 135 0.03 -24.03 -1.51
CA GLY B 135 1.29 -24.73 -1.79
C GLY B 135 1.16 -26.17 -2.23
N TYR B 136 -0.05 -26.73 -2.23
CA TYR B 136 -0.18 -28.15 -2.58
C TYR B 136 -0.35 -28.48 -4.04
N CYS B 137 -0.64 -27.45 -4.84
CA CYS B 137 -0.76 -27.64 -6.28
C CYS B 137 -1.79 -28.66 -6.73
N ILE B 138 -2.93 -28.69 -6.03
CA ILE B 138 -4.04 -29.58 -6.35
C ILE B 138 -5.20 -28.65 -6.72
N ASP B 139 -5.80 -28.85 -7.90
CA ASP B 139 -6.93 -28.05 -8.36
C ASP B 139 -8.16 -28.62 -7.64
N ASP B 140 -8.80 -27.81 -6.80
CA ASP B 140 -9.99 -28.27 -6.08
C ASP B 140 -11.16 -28.59 -7.03
N SER B 141 -11.23 -27.95 -8.20
CA SER B 141 -12.36 -28.21 -9.09
C SER B 141 -12.37 -29.61 -9.68
N ASN B 142 -11.22 -30.27 -9.70
CA ASN B 142 -11.14 -31.61 -10.30
C ASN B 142 -10.14 -32.57 -9.62
N GLY B 143 -9.54 -32.13 -8.53
CA GLY B 143 -8.58 -32.96 -7.82
C GLY B 143 -7.27 -33.24 -8.55
N GLU B 144 -7.02 -32.56 -9.67
CA GLU B 144 -5.80 -32.80 -10.41
C GLU B 144 -4.58 -32.09 -9.85
N PHE B 145 -3.41 -32.72 -10.03
CA PHE B 145 -2.16 -32.16 -9.57
C PHE B 145 -1.71 -31.24 -10.69
N MSE B 146 -1.13 -30.10 -10.35
CA MSE B 146 -0.69 -29.17 -11.39
C MSE B 146 0.77 -29.38 -11.79
O MSE B 146 1.62 -28.53 -11.50
CB MSE B 146 -0.89 -27.75 -10.90
CG MSE B 146 -2.31 -27.54 -10.48
SE MSE B 146 -2.54 -25.86 -9.58
CE MSE B 146 -4.31 -25.52 -10.31
N ALA B 147 1.04 -30.50 -12.44
CA ALA B 147 2.39 -30.86 -12.86
C ALA B 147 3.01 -29.78 -13.77
N HIS B 148 2.25 -29.38 -14.78
CA HIS B 148 2.68 -28.36 -15.75
C HIS B 148 3.61 -27.27 -15.20
N LEU B 149 3.42 -26.85 -13.95
CA LEU B 149 4.23 -25.79 -13.35
C LEU B 149 5.76 -25.94 -13.51
N PRO B 150 6.47 -24.81 -13.68
CA PRO B 150 7.92 -24.68 -13.87
C PRO B 150 8.81 -25.49 -12.92
N GLN B 151 8.68 -25.19 -11.62
CA GLN B 151 9.47 -25.85 -10.59
C GLN B 151 9.21 -27.35 -10.49
N ILE B 152 7.98 -27.77 -10.74
CA ILE B 152 7.67 -29.19 -10.70
C ILE B 152 8.36 -29.89 -11.86
N GLN B 153 8.35 -29.25 -13.04
CA GLN B 153 9.01 -29.82 -14.21
C GLN B 153 10.51 -29.89 -13.97
N HIS B 154 11.07 -28.88 -13.30
CA HIS B 154 12.52 -28.88 -13.03
C HIS B 154 12.85 -30.06 -12.11
N ASP B 155 12.06 -30.23 -11.05
CA ASP B 155 12.30 -31.32 -10.11
C ASP B 155 12.14 -32.68 -10.77
N LEU B 156 11.21 -32.82 -11.69
CA LEU B 156 11.07 -34.10 -12.37
C LEU B 156 12.31 -34.32 -13.23
N ALA B 157 12.86 -33.24 -13.79
CA ALA B 157 14.04 -33.37 -14.64
C ALA B 157 15.32 -33.55 -13.85
N HIS B 158 15.37 -33.05 -12.62
CA HIS B 158 16.58 -33.16 -11.81
C HIS B 158 16.21 -33.54 -10.38
N PRO B 159 15.78 -34.78 -10.16
CA PRO B 159 15.36 -35.32 -8.86
C PRO B 159 16.36 -35.14 -7.73
N SER B 160 17.66 -35.08 -8.05
CA SER B 160 18.68 -34.92 -7.01
C SER B 160 19.06 -33.46 -6.70
N SER B 161 18.40 -32.52 -7.35
CA SER B 161 18.65 -31.10 -7.10
C SER B 161 17.26 -30.44 -7.13
N PRO B 162 16.35 -30.90 -6.25
CA PRO B 162 15.01 -30.32 -6.26
C PRO B 162 14.92 -28.93 -5.67
N LYS B 163 13.81 -28.27 -5.98
CA LYS B 163 13.51 -26.93 -5.49
C LYS B 163 12.19 -26.90 -4.72
N THR B 164 11.30 -27.86 -5.02
CA THR B 164 10.00 -27.88 -4.38
C THR B 164 9.87 -28.82 -3.18
N VAL B 165 8.80 -28.61 -2.42
CA VAL B 165 8.56 -29.45 -1.26
C VAL B 165 8.42 -30.92 -1.67
N PHE B 166 7.74 -31.17 -2.79
CA PHE B 166 7.54 -32.54 -3.26
C PHE B 166 8.85 -33.16 -3.72
N GLY B 167 9.67 -32.34 -4.39
CA GLY B 167 10.95 -32.83 -4.90
C GLY B 167 11.87 -33.16 -3.75
N PHE B 168 11.90 -32.32 -2.71
CA PHE B 168 12.77 -32.63 -1.59
C PHE B 168 12.29 -33.86 -0.80
N ILE B 169 10.97 -33.97 -0.59
CA ILE B 169 10.44 -35.12 0.15
C ILE B 169 10.70 -36.39 -0.64
N CYS B 170 10.55 -36.35 -1.96
CA CYS B 170 10.83 -37.57 -2.76
C CYS B 170 12.29 -37.97 -2.69
N ALA B 171 13.17 -37.00 -2.88
CA ALA B 171 14.57 -37.27 -2.82
C ALA B 171 14.98 -37.85 -1.47
N ALA B 172 14.40 -37.32 -0.39
CA ALA B 172 14.75 -37.82 0.94
C ALA B 172 14.25 -39.25 1.14
N LEU B 173 13.02 -39.54 0.69
CA LEU B 173 12.51 -40.90 0.87
C LEU B 173 13.35 -41.89 0.06
N THR B 174 13.74 -41.50 -1.16
CA THR B 174 14.56 -42.37 -2.00
C THR B 174 15.86 -42.73 -1.26
N GLN B 175 16.48 -41.72 -0.66
CA GLN B 175 17.72 -41.91 0.05
C GLN B 175 17.49 -42.78 1.27
N ARG B 176 16.43 -42.51 2.02
CA ARG B 176 16.15 -43.33 3.21
C ARG B 176 15.98 -44.79 2.79
N ARG B 177 15.25 -45.01 1.69
CA ARG B 177 15.03 -46.36 1.22
C ARG B 177 16.31 -47.10 0.89
N ALA B 178 17.22 -46.41 0.22
CA ALA B 178 18.50 -46.99 -0.14
C ALA B 178 19.33 -47.30 1.09
N ALA B 179 19.01 -46.66 2.21
CA ALA B 179 19.77 -46.90 3.45
C ALA B 179 19.02 -47.86 4.33
N GLY B 180 17.83 -48.27 3.90
CA GLY B 180 17.05 -49.18 4.71
C GLY B 180 16.51 -48.45 5.93
N ILE B 181 16.33 -47.14 5.78
CA ILE B 181 15.81 -46.28 6.85
C ILE B 181 14.31 -46.15 6.63
N PRO B 182 13.52 -46.31 7.70
CA PRO B 182 12.05 -46.22 7.67
C PRO B 182 11.57 -44.83 7.19
N ALA B 183 10.37 -44.78 6.62
CA ALA B 183 9.78 -43.51 6.16
C ALA B 183 9.45 -42.60 7.35
N PHE B 184 9.19 -41.33 7.08
CA PHE B 184 8.72 -40.40 8.12
C PHE B 184 7.24 -40.19 7.82
N THR B 185 6.51 -39.59 8.75
CA THR B 185 5.12 -39.21 8.51
C THR B 185 5.24 -37.82 7.87
N VAL B 186 4.31 -37.46 6.99
CA VAL B 186 4.30 -36.09 6.43
C VAL B 186 3.06 -35.49 7.08
N MSE B 187 3.30 -34.45 7.88
CA MSE B 187 2.28 -33.81 8.68
C MSE B 187 1.89 -32.40 8.26
O MSE B 187 2.58 -31.42 8.63
CB MSE B 187 2.78 -33.80 10.13
CG MSE B 187 1.72 -33.33 11.18
SE MSE B 187 2.37 -33.43 13.05
CE MSE B 187 3.27 -31.67 13.20
N SER B 188 0.81 -32.27 7.50
CA SER B 188 0.40 -30.94 7.06
C SER B 188 -0.18 -30.09 8.18
N CYS B 189 0.30 -28.86 8.32
CA CYS B 189 -0.28 -27.95 9.31
C CYS B 189 -0.87 -26.70 8.63
N ASP B 190 -1.27 -26.83 7.37
CA ASP B 190 -1.89 -25.71 6.68
C ASP B 190 -3.40 -25.83 6.79
N ASN B 191 -4.10 -24.71 6.57
CA ASN B 191 -5.57 -24.71 6.64
C ASN B 191 -6.28 -25.16 5.39
N LEU B 192 -6.41 -26.46 5.17
CA LEU B 192 -7.16 -26.95 4.04
C LEU B 192 -8.05 -28.06 4.54
N PRO B 193 -9.22 -28.23 3.91
CA PRO B 193 -10.12 -29.31 4.32
C PRO B 193 -9.32 -30.58 3.98
N HIS B 194 -9.33 -31.56 4.90
CA HIS B 194 -8.62 -32.84 4.73
C HIS B 194 -7.19 -32.59 4.24
N ASN B 195 -6.46 -31.75 4.97
CA ASN B 195 -5.11 -31.38 4.57
C ASN B 195 -4.15 -32.54 4.41
N GLY B 196 -4.39 -33.62 5.15
CA GLY B 196 -3.54 -34.79 5.01
C GLY B 196 -3.87 -35.51 3.71
N ALA B 197 -5.17 -35.67 3.40
CA ALA B 197 -5.53 -36.37 2.17
C ALA B 197 -4.99 -35.59 0.95
N VAL B 198 -5.04 -34.25 1.04
CA VAL B 198 -4.52 -33.41 -0.04
C VAL B 198 -3.00 -33.58 -0.19
N THR B 199 -2.28 -33.58 0.92
CA THR B 199 -0.84 -33.76 0.89
C THR B 199 -0.51 -35.09 0.22
N ARG B 200 -1.24 -36.12 0.63
CA ARG B 200 -1.00 -37.45 0.05
C ARG B 200 -1.28 -37.45 -1.43
N LYS B 201 -2.41 -36.87 -1.80
CA LYS B 201 -2.79 -36.82 -3.21
C LYS B 201 -1.70 -36.13 -4.05
N ALA B 202 -1.21 -34.98 -3.56
CA ALA B 202 -0.18 -34.25 -4.30
C ALA B 202 1.15 -34.99 -4.33
N LEU B 203 1.57 -35.53 -3.20
CA LEU B 203 2.85 -36.22 -3.21
C LEU B 203 2.81 -37.46 -4.11
N LEU B 204 1.73 -38.25 -4.02
CA LEU B 204 1.63 -39.43 -4.87
C LEU B 204 1.55 -39.04 -6.34
N ALA B 205 0.81 -37.98 -6.66
CA ALA B 205 0.72 -37.56 -8.07
C ALA B 205 2.11 -37.19 -8.56
N PHE B 206 2.82 -36.41 -7.76
CA PHE B 206 4.17 -36.02 -8.14
C PHE B 206 5.06 -37.25 -8.30
N ALA B 207 5.01 -38.18 -7.35
CA ALA B 207 5.82 -39.39 -7.41
C ALA B 207 5.46 -40.21 -8.65
N ALA B 208 4.16 -40.29 -8.95
CA ALA B 208 3.70 -41.03 -10.14
C ALA B 208 4.34 -40.50 -11.43
N LEU B 209 4.65 -39.21 -11.50
CA LEU B 209 5.29 -38.64 -12.69
C LEU B 209 6.77 -38.98 -12.60
N HIS B 210 7.34 -38.71 -11.44
CA HIS B 210 8.74 -38.95 -11.17
C HIS B 210 9.17 -40.42 -11.38
N ASN B 211 8.60 -41.31 -10.58
CA ASN B 211 8.93 -42.72 -10.63
C ASN B 211 7.73 -43.54 -10.13
N ALA B 212 7.17 -44.40 -10.99
CA ALA B 212 6.02 -45.18 -10.58
C ALA B 212 6.27 -46.09 -9.38
N GLU B 213 7.45 -46.69 -9.33
CA GLU B 213 7.79 -47.57 -8.21
C GLU B 213 7.90 -46.81 -6.87
N LEU B 214 8.45 -45.60 -6.90
CA LEU B 214 8.56 -44.81 -5.68
C LEU B 214 7.12 -44.51 -5.24
N HIS B 215 6.29 -44.12 -6.20
CA HIS B 215 4.89 -43.85 -5.88
C HIS B 215 4.25 -44.98 -5.06
N ASP B 216 4.42 -46.23 -5.51
CA ASP B 216 3.81 -47.34 -4.79
C ASP B 216 4.39 -47.52 -3.39
N TRP B 217 5.70 -47.35 -3.24
CA TRP B 217 6.31 -47.51 -1.93
C TRP B 217 5.80 -46.42 -0.99
N ILE B 218 5.72 -45.19 -1.49
CA ILE B 218 5.26 -44.10 -0.64
C ILE B 218 3.84 -44.36 -0.16
N LYS B 219 2.97 -44.77 -1.07
CA LYS B 219 1.59 -45.05 -0.74
C LYS B 219 1.47 -46.09 0.37
N ALA B 220 2.37 -47.07 0.37
CA ALA B 220 2.33 -48.13 1.38
C ALA B 220 3.11 -47.86 2.64
N HIS B 221 4.05 -46.92 2.59
CA HIS B 221 4.91 -46.65 3.75
C HIS B 221 4.80 -45.32 4.50
N VAL B 222 4.20 -44.31 3.87
CA VAL B 222 4.09 -43.00 4.49
C VAL B 222 2.66 -42.70 4.95
N SER B 223 2.50 -42.08 6.12
CA SER B 223 1.16 -41.71 6.59
C SER B 223 0.98 -40.21 6.44
N PHE B 224 -0.26 -39.76 6.28
CA PHE B 224 -0.50 -38.34 6.05
C PHE B 224 -1.68 -37.94 6.91
N PRO B 225 -1.43 -37.73 8.20
CA PRO B 225 -2.58 -37.35 9.03
C PRO B 225 -3.29 -36.04 8.74
N ASN B 226 -4.63 -36.07 8.83
CA ASN B 226 -5.42 -34.84 8.68
C ASN B 226 -5.43 -34.14 10.02
N ALA B 227 -5.55 -32.81 10.00
CA ALA B 227 -5.60 -32.04 11.24
C ALA B 227 -6.36 -30.71 11.05
N MSE B 228 -6.84 -30.17 12.17
CA MSE B 228 -7.42 -28.84 12.21
C MSE B 228 -6.42 -28.10 13.10
O MSE B 228 -6.03 -28.61 14.21
CB MSE B 228 -8.80 -28.80 12.86
CG MSE B 228 -9.41 -27.38 12.82
SE MSE B 228 -9.01 -26.41 14.42
CE MSE B 228 -10.57 -27.00 15.47
N VAL B 229 -5.97 -26.93 12.62
CA VAL B 229 -4.99 -26.16 13.41
C VAL B 229 -5.51 -24.72 13.65
N ASP B 230 -5.24 -24.15 14.82
CA ASP B 230 -5.79 -22.83 15.08
C ASP B 230 -5.03 -21.96 16.07
N ARG B 231 -4.59 -20.80 15.61
CA ARG B 231 -3.97 -19.77 16.44
C ARG B 231 -3.69 -18.55 15.57
N ILE B 232 -4.35 -17.43 15.91
CA ILE B 232 -4.15 -16.20 15.15
C ILE B 232 -2.74 -15.67 15.42
N THR B 233 -1.95 -15.53 14.34
CA THR B 233 -0.57 -15.08 14.40
C THR B 233 -0.31 -13.99 13.36
N PRO B 234 -0.25 -12.71 13.79
CA PRO B 234 -0.01 -11.56 12.92
C PRO B 234 1.38 -11.63 12.30
N MSE B 235 1.60 -10.80 11.28
CA MSE B 235 2.91 -10.71 10.65
C MSE B 235 3.81 -9.94 11.63
O MSE B 235 3.34 -9.14 12.45
CB MSE B 235 2.86 -9.93 9.34
CG MSE B 235 2.02 -10.59 8.30
SE MSE B 235 2.15 -9.57 6.60
CE MSE B 235 1.43 -7.89 7.24
N THR B 236 5.10 -10.21 11.51
CA THR B 236 6.13 -9.57 12.32
C THR B 236 6.07 -8.07 12.06
N SER B 237 6.28 -7.26 13.08
CA SER B 237 6.30 -5.83 12.83
C SER B 237 7.32 -5.17 13.73
N THR B 238 7.85 -4.04 13.28
CA THR B 238 8.78 -3.33 14.12
C THR B 238 8.05 -2.90 15.40
N ALA B 239 6.79 -2.50 15.27
CA ALA B 239 6.01 -2.06 16.43
C ALA B 239 5.99 -3.15 17.52
N HIS B 240 5.71 -4.37 17.10
CA HIS B 240 5.64 -5.49 18.02
C HIS B 240 6.98 -5.81 18.63
N ARG B 241 8.05 -5.75 17.84
CA ARG B 241 9.38 -5.98 18.38
C ARG B 241 9.74 -4.89 19.42
N LEU B 242 9.44 -3.64 19.11
CA LEU B 242 9.74 -2.56 20.06
C LEU B 242 8.88 -2.65 21.32
N GLN B 243 7.64 -3.09 21.13
CA GLN B 243 6.71 -3.23 22.25
C GLN B 243 7.26 -4.31 23.19
N LEU B 244 7.74 -5.42 22.62
CA LEU B 244 8.31 -6.49 23.44
C LEU B 244 9.46 -5.94 24.29
N HIS B 245 10.34 -5.14 23.67
CA HIS B 245 11.46 -4.57 24.40
C HIS B 245 10.99 -3.58 25.49
N ASP B 246 10.04 -2.71 25.16
CA ASP B 246 9.54 -1.72 26.12
C ASP B 246 8.83 -2.31 27.33
N GLU B 247 8.03 -3.33 27.08
CA GLU B 247 7.26 -3.93 28.14
C GLU B 247 7.93 -5.09 28.86
N HIS B 248 8.85 -5.78 28.19
CA HIS B 248 9.49 -6.93 28.85
C HIS B 248 11.00 -6.98 28.83
N GLY B 249 11.62 -5.95 28.27
CA GLY B 249 13.07 -5.88 28.28
C GLY B 249 13.86 -6.76 27.36
N ILE B 250 13.19 -7.49 26.47
CA ILE B 250 13.91 -8.36 25.54
C ILE B 250 14.14 -7.71 24.17
N ASP B 251 15.35 -7.85 23.66
CA ASP B 251 15.65 -7.40 22.31
C ASP B 251 15.69 -8.69 21.50
N ASP B 252 14.61 -8.95 20.77
CA ASP B 252 14.46 -10.15 19.93
C ASP B 252 14.39 -9.67 18.48
N ALA B 253 15.26 -10.20 17.63
CA ALA B 253 15.26 -9.83 16.21
C ALA B 253 14.00 -10.31 15.50
N TRP B 254 13.38 -11.36 16.01
CA TRP B 254 12.21 -11.93 15.36
C TRP B 254 11.29 -12.71 16.32
N PRO B 255 10.62 -12.00 17.21
CA PRO B 255 9.72 -12.67 18.16
C PRO B 255 8.48 -13.09 17.35
N VAL B 256 7.63 -13.95 17.91
CA VAL B 256 6.40 -14.28 17.19
C VAL B 256 5.25 -13.82 18.09
N VAL B 257 4.34 -12.99 17.55
CA VAL B 257 3.20 -12.51 18.31
C VAL B 257 2.02 -13.41 18.02
N CYS B 258 1.18 -13.68 19.02
CA CYS B 258 0.02 -14.54 18.78
C CYS B 258 -1.01 -14.28 19.87
N GLU B 259 -2.25 -14.75 19.68
CA GLU B 259 -3.30 -14.59 20.68
C GLU B 259 -3.11 -15.72 21.68
N PRO B 260 -3.74 -15.62 22.86
CA PRO B 260 -3.68 -16.64 23.92
C PRO B 260 -4.27 -17.98 23.49
N PHE B 261 -5.40 -17.93 22.80
CA PHE B 261 -6.07 -19.17 22.36
C PHE B 261 -5.23 -20.01 21.38
N VAL B 262 -5.30 -21.33 21.50
CA VAL B 262 -4.56 -22.17 20.58
C VAL B 262 -5.27 -23.52 20.61
N GLN B 263 -5.34 -24.19 19.46
CA GLN B 263 -5.99 -25.50 19.40
C GLN B 263 -5.36 -26.37 18.33
N TRP B 264 -5.31 -27.68 18.56
CA TRP B 264 -4.75 -28.61 17.55
C TRP B 264 -5.52 -29.92 17.67
N VAL B 265 -6.22 -30.30 16.61
CA VAL B 265 -6.98 -31.55 16.58
C VAL B 265 -6.37 -32.35 15.47
N LEU B 266 -5.92 -33.55 15.82
CA LEU B 266 -5.17 -34.34 14.87
C LEU B 266 -5.60 -35.80 14.83
N GLU B 267 -5.48 -36.42 13.66
CA GLU B 267 -5.71 -37.86 13.49
C GLU B 267 -4.40 -38.50 13.95
N ASP B 268 -4.48 -39.61 14.66
CA ASP B 268 -3.27 -40.25 15.15
C ASP B 268 -2.77 -41.27 14.12
N LYS B 269 -2.14 -40.77 13.05
CA LYS B 269 -1.62 -41.64 11.97
C LYS B 269 -0.16 -41.32 11.70
N PHE B 270 0.71 -41.92 12.50
CA PHE B 270 2.14 -41.68 12.39
C PHE B 270 2.87 -42.99 12.18
N VAL B 271 3.60 -43.08 11.08
CA VAL B 271 4.28 -44.35 10.78
C VAL B 271 5.55 -44.61 11.56
N ASN B 272 6.19 -43.54 12.05
CA ASN B 272 7.48 -43.64 12.72
C ASN B 272 7.49 -42.86 14.05
N GLY B 273 6.37 -42.92 14.79
CA GLY B 273 6.29 -42.26 16.08
C GLY B 273 5.93 -40.78 16.04
N ARG B 274 5.78 -40.21 17.22
CA ARG B 274 5.43 -38.81 17.43
C ARG B 274 5.55 -38.42 18.87
N PRO B 275 5.77 -37.12 19.15
CA PRO B 275 5.85 -36.64 20.53
C PRO B 275 4.49 -36.95 21.18
N ALA B 276 4.49 -37.08 22.49
CA ALA B 276 3.24 -37.33 23.24
C ALA B 276 2.54 -36.00 23.45
N TRP B 277 2.16 -35.38 22.35
CA TRP B 277 1.53 -34.06 22.41
C TRP B 277 0.24 -33.99 23.20
N GLU B 278 -0.44 -35.12 23.36
CA GLU B 278 -1.71 -35.08 24.09
C GLU B 278 -1.50 -34.69 25.51
N LYS B 279 -0.26 -34.85 25.99
CA LYS B 279 0.05 -34.48 27.37
C LYS B 279 0.04 -32.96 27.54
N VAL B 280 0.15 -32.23 26.43
CA VAL B 280 0.12 -30.78 26.54
C VAL B 280 -1.06 -30.12 25.80
N GLY B 281 -2.17 -30.83 25.71
CA GLY B 281 -3.33 -30.21 25.10
C GLY B 281 -3.72 -30.55 23.67
N VAL B 282 -2.93 -31.34 22.95
CA VAL B 282 -3.29 -31.66 21.58
C VAL B 282 -4.37 -32.74 21.62
N GLN B 283 -5.40 -32.57 20.81
CA GLN B 283 -6.51 -33.50 20.81
C GLN B 283 -6.47 -34.45 19.63
N PHE B 284 -6.52 -35.75 19.92
CA PHE B 284 -6.53 -36.73 18.84
C PHE B 284 -7.97 -37.21 18.62
N THR B 285 -8.35 -37.41 17.35
CA THR B 285 -9.69 -37.87 17.04
C THR B 285 -9.66 -38.85 15.88
N ASP B 286 -10.69 -39.67 15.78
CA ASP B 286 -10.73 -40.61 14.66
C ASP B 286 -11.27 -39.89 13.40
N ASP B 287 -11.96 -38.76 13.56
CA ASP B 287 -12.47 -38.06 12.38
C ASP B 287 -12.37 -36.55 12.59
N VAL B 288 -11.38 -35.93 11.96
CA VAL B 288 -11.21 -34.50 12.18
C VAL B 288 -12.12 -33.65 11.30
N THR B 289 -12.81 -34.28 10.35
CA THR B 289 -13.67 -33.54 9.44
C THR B 289 -14.63 -32.53 10.07
N PRO B 290 -15.41 -32.94 11.07
CA PRO B 290 -16.30 -31.92 11.61
C PRO B 290 -15.55 -30.72 12.20
N TYR B 291 -14.39 -30.96 12.81
CA TYR B 291 -13.62 -29.86 13.39
C TYR B 291 -13.06 -28.92 12.30
N GLU B 292 -12.51 -29.50 11.23
CA GLU B 292 -11.97 -28.66 10.17
C GLU B 292 -13.09 -27.87 9.47
N GLU B 293 -14.23 -28.51 9.22
CA GLU B 293 -15.32 -27.79 8.57
C GLU B 293 -15.81 -26.63 9.41
N MSE B 294 -15.87 -26.84 10.71
CA MSE B 294 -16.30 -25.83 11.62
C MSE B 294 -15.30 -24.64 11.62
O MSE B 294 -15.68 -23.48 11.41
CB MSE B 294 -16.34 -26.41 13.04
CG MSE B 294 -16.56 -25.39 14.11
SE MSE B 294 -16.20 -26.11 15.91
CE MSE B 294 -14.25 -26.20 15.83
N LYS B 295 -14.04 -24.96 11.86
CA LYS B 295 -13.06 -23.90 11.95
C LYS B 295 -12.76 -23.21 10.66
N ILE B 296 -12.53 -23.97 9.60
CA ILE B 296 -12.27 -23.30 8.34
C ILE B 296 -13.49 -22.54 7.85
N GLY B 297 -14.65 -23.17 7.94
CA GLY B 297 -15.86 -22.51 7.44
C GLY B 297 -16.23 -21.25 8.19
N LEU B 298 -16.16 -21.29 9.52
CA LEU B 298 -16.54 -20.13 10.34
C LEU B 298 -15.45 -19.11 10.59
N LEU B 299 -14.26 -19.56 10.97
CA LEU B 299 -13.18 -18.61 11.28
C LEU B 299 -12.51 -18.13 9.98
N ASN B 300 -11.88 -19.04 9.24
CA ASN B 300 -11.22 -18.58 8.01
C ASN B 300 -12.22 -17.94 7.03
N GLY B 301 -13.43 -18.50 6.94
CA GLY B 301 -14.44 -17.91 6.08
C GLY B 301 -14.81 -16.51 6.54
N SER B 302 -14.97 -16.27 7.84
CA SER B 302 -15.32 -14.93 8.28
C SER B 302 -14.14 -13.96 8.05
N HIS B 303 -12.91 -14.47 8.19
CA HIS B 303 -11.76 -13.59 7.92
C HIS B 303 -11.84 -13.03 6.50
N LEU B 304 -12.11 -13.89 5.52
CA LEU B 304 -12.19 -13.37 4.16
C LEU B 304 -13.39 -12.42 3.97
N ALA B 305 -14.49 -12.71 4.66
CA ALA B 305 -15.70 -11.85 4.54
C ALA B 305 -15.44 -10.46 5.12
N LEU B 306 -14.58 -10.36 6.11
CA LEU B 306 -14.27 -9.06 6.70
C LEU B 306 -13.13 -8.31 6.00
N THR B 307 -12.15 -9.08 5.56
CA THR B 307 -10.92 -8.44 5.12
C THR B 307 -10.89 -7.55 3.87
N TYR B 308 -11.57 -7.96 2.82
CA TYR B 308 -11.53 -7.18 1.58
C TYR B 308 -12.44 -5.97 1.75
N LEU B 309 -13.62 -6.19 2.33
CA LEU B 309 -14.52 -5.07 2.60
C LEU B 309 -13.79 -4.10 3.54
N GLY B 310 -13.09 -4.63 4.56
CA GLY B 310 -12.41 -3.75 5.50
C GLY B 310 -11.29 -2.95 4.86
N PHE B 311 -10.51 -3.61 4.02
CA PHE B 311 -9.40 -2.91 3.33
C PHE B 311 -9.99 -1.78 2.48
N LEU B 312 -11.05 -2.09 1.74
CA LEU B 312 -11.69 -1.09 0.89
C LEU B 312 -12.15 0.11 1.70
N LYS B 313 -12.69 -0.16 2.89
CA LYS B 313 -13.21 0.88 3.76
C LYS B 313 -12.08 1.73 4.33
N GLY B 314 -10.85 1.23 4.24
CA GLY B 314 -9.72 1.99 4.77
C GLY B 314 -9.23 1.48 6.11
N TYR B 315 -9.88 0.44 6.64
CA TYR B 315 -9.47 -0.15 7.91
C TYR B 315 -8.18 -0.93 7.63
N ARG B 316 -7.36 -1.13 8.65
CA ARG B 316 -6.14 -1.86 8.41
C ARG B 316 -5.86 -3.01 9.40
N PHE B 317 -6.69 -3.17 10.43
CA PHE B 317 -6.51 -4.29 11.36
C PHE B 317 -7.82 -5.02 11.52
N VAL B 318 -7.75 -6.29 11.88
CA VAL B 318 -8.96 -7.07 12.08
C VAL B 318 -9.85 -6.46 13.18
N HIS B 319 -9.21 -6.00 14.26
CA HIS B 319 -9.99 -5.44 15.36
C HIS B 319 -10.74 -4.16 14.98
N GLU B 320 -10.28 -3.44 13.96
CA GLU B 320 -10.98 -2.22 13.50
C GLU B 320 -12.28 -2.63 12.83
N THR B 321 -12.26 -3.75 12.09
CA THR B 321 -13.50 -4.19 11.45
C THR B 321 -14.47 -4.59 12.55
N MSE B 322 -13.96 -5.20 13.63
CA MSE B 322 -14.82 -5.62 14.71
C MSE B 322 -15.36 -4.46 15.54
O MSE B 322 -16.26 -4.66 16.35
CB MSE B 322 -14.09 -6.61 15.62
CG MSE B 322 -13.71 -7.94 14.92
SE MSE B 322 -15.32 -8.93 14.27
CE MSE B 322 -16.07 -9.37 15.79
N ASN B 323 -14.82 -3.26 15.36
CA ASN B 323 -15.31 -2.09 16.07
C ASN B 323 -16.39 -1.40 15.25
N ASP B 324 -16.69 -1.95 14.07
CA ASP B 324 -17.73 -1.40 13.17
C ASP B 324 -18.89 -2.37 13.29
N PRO B 325 -20.00 -1.96 13.91
CA PRO B 325 -21.17 -2.82 14.10
C PRO B 325 -21.72 -3.50 12.84
N LEU B 326 -21.61 -2.85 11.70
CA LEU B 326 -22.11 -3.40 10.44
C LEU B 326 -21.26 -4.61 10.06
N PHE B 327 -19.95 -4.51 10.27
CA PHE B 327 -19.12 -5.67 9.93
C PHE B 327 -19.43 -6.82 10.84
N VAL B 328 -19.61 -6.53 12.14
CA VAL B 328 -19.88 -7.60 13.08
C VAL B 328 -21.22 -8.26 12.73
N ALA B 329 -22.23 -7.45 12.39
CA ALA B 329 -23.54 -8.03 12.07
C ALA B 329 -23.46 -8.87 10.80
N TYR B 330 -22.68 -8.42 9.84
CA TYR B 330 -22.50 -9.15 8.58
C TYR B 330 -21.80 -10.47 8.86
N MSE B 331 -20.73 -10.42 9.66
CA MSE B 331 -20.04 -11.67 10.01
C MSE B 331 -21.01 -12.64 10.75
O MSE B 331 -21.04 -13.85 10.45
CB MSE B 331 -18.83 -11.38 10.89
CG MSE B 331 -18.29 -12.65 11.60
SE MSE B 331 -16.71 -12.11 12.68
CE MSE B 331 -16.36 -13.78 13.64
N ARG B 332 -21.80 -12.16 11.69
CA ARG B 332 -22.72 -13.07 12.37
C ARG B 332 -23.78 -13.64 11.42
N ALA B 333 -24.26 -12.83 10.46
CA ALA B 333 -25.29 -13.33 9.51
C ALA B 333 -24.66 -14.39 8.61
N TYR B 334 -23.47 -14.09 8.11
CA TYR B 334 -22.78 -15.09 7.29
C TYR B 334 -22.61 -16.40 8.09
N MSE B 335 -22.04 -16.31 9.28
CA MSE B 335 -21.86 -17.54 10.09
C MSE B 335 -23.17 -18.28 10.44
O MSE B 335 -23.24 -19.49 10.29
CB MSE B 335 -21.15 -17.22 11.41
CG MSE B 335 -19.71 -16.81 11.26
SE MSE B 335 -18.77 -16.82 12.96
CE MSE B 335 -19.76 -15.49 13.95
N ASP B 336 -24.18 -17.54 10.87
CA ASP B 336 -25.43 -18.18 11.30
C ASP B 336 -26.30 -18.68 10.16
N LEU B 337 -26.43 -17.88 9.11
CA LEU B 337 -27.30 -18.24 8.01
C LEU B 337 -26.68 -19.02 6.88
N ASP B 338 -25.39 -18.81 6.64
CA ASP B 338 -24.78 -19.47 5.51
C ASP B 338 -23.91 -20.67 5.85
N VAL B 339 -23.07 -20.53 6.86
CA VAL B 339 -22.20 -21.63 7.21
C VAL B 339 -22.83 -22.66 8.17
N THR B 340 -23.41 -22.18 9.24
CA THR B 340 -23.93 -23.09 10.24
C THR B 340 -24.82 -24.21 9.79
N PRO B 341 -25.76 -23.96 8.86
CA PRO B 341 -26.64 -25.06 8.44
C PRO B 341 -25.91 -26.18 7.71
N ASN B 342 -24.70 -25.91 7.26
CA ASN B 342 -23.93 -26.90 6.51
C ASN B 342 -23.09 -27.80 7.41
N LEU B 343 -22.96 -27.44 8.68
CA LEU B 343 -22.08 -28.13 9.60
C LEU B 343 -22.64 -29.30 10.39
N ALA B 344 -21.90 -30.41 10.39
CA ALA B 344 -22.26 -31.58 11.18
C ALA B 344 -21.91 -31.24 12.62
N PRO B 345 -22.58 -31.87 13.59
CA PRO B 345 -22.28 -31.60 15.00
C PRO B 345 -20.80 -31.86 15.25
N VAL B 346 -20.22 -31.16 16.21
CA VAL B 346 -18.81 -31.34 16.54
C VAL B 346 -18.77 -31.83 17.96
N PRO B 347 -18.26 -33.07 18.18
CA PRO B 347 -18.19 -33.63 19.51
C PRO B 347 -17.74 -32.66 20.59
N GLY B 348 -18.59 -32.46 21.58
CA GLY B 348 -18.25 -31.60 22.68
C GLY B 348 -18.18 -30.11 22.41
N ILE B 349 -18.78 -29.64 21.32
CA ILE B 349 -18.73 -28.21 21.07
C ILE B 349 -20.12 -27.64 20.78
N ASP B 350 -20.43 -26.51 21.41
CA ASP B 350 -21.70 -25.83 21.19
C ASP B 350 -21.37 -24.76 20.14
N LEU B 351 -21.86 -24.95 18.92
CA LEU B 351 -21.57 -24.00 17.83
C LEU B 351 -21.97 -22.57 18.11
N THR B 352 -23.03 -22.38 18.88
CA THR B 352 -23.42 -21.00 19.17
C THR B 352 -22.35 -20.33 20.00
N ASP B 353 -21.84 -21.05 21.00
CA ASP B 353 -20.82 -20.49 21.86
C ASP B 353 -19.51 -20.32 21.07
N TYR B 354 -19.20 -21.27 20.21
CA TYR B 354 -17.96 -21.20 19.42
C TYR B 354 -17.97 -19.95 18.56
N LYS B 355 -19.07 -19.71 17.88
CA LYS B 355 -19.18 -18.52 17.03
C LYS B 355 -18.97 -17.26 17.81
N GLN B 356 -19.49 -17.20 19.05
CA GLN B 356 -19.29 -15.99 19.85
C GLN B 356 -17.81 -15.85 20.23
N THR B 357 -17.12 -16.98 20.45
CA THR B 357 -15.70 -16.84 20.79
C THR B 357 -14.93 -16.34 19.57
N LEU B 358 -15.42 -16.62 18.36
CA LEU B 358 -14.72 -16.12 17.17
C LEU B 358 -14.87 -14.60 17.14
N VAL B 359 -16.06 -14.10 17.47
CA VAL B 359 -16.25 -12.66 17.49
C VAL B 359 -15.30 -12.09 18.56
N ASP B 360 -15.26 -12.74 19.72
CA ASP B 360 -14.39 -12.27 20.79
C ASP B 360 -12.93 -12.24 20.36
N ARG B 361 -12.49 -13.34 19.75
CA ARG B 361 -11.09 -13.45 19.34
C ARG B 361 -10.69 -12.43 18.26
N PHE B 362 -11.59 -12.16 17.31
CA PHE B 362 -11.31 -11.16 16.29
C PHE B 362 -11.35 -9.75 16.89
N SER B 363 -12.08 -9.58 18.00
CA SER B 363 -12.19 -8.25 18.63
C SER B 363 -11.00 -7.91 19.54
N ASN B 364 -10.02 -8.82 19.60
CA ASN B 364 -8.80 -8.65 20.39
C ASN B 364 -8.12 -7.39 19.89
N GLN B 365 -8.16 -6.30 20.69
CA GLN B 365 -7.59 -5.04 20.24
C GLN B 365 -6.07 -4.95 20.33
N ALA B 366 -5.50 -5.70 21.27
CA ALA B 366 -4.06 -5.64 21.52
C ALA B 366 -3.17 -6.27 20.44
N ILE B 367 -3.69 -7.31 19.78
CA ILE B 367 -2.92 -8.10 18.82
C ILE B 367 -2.58 -7.41 17.50
N ALA B 368 -3.43 -6.48 17.08
CA ALA B 368 -3.21 -5.76 15.84
C ALA B 368 -2.88 -6.68 14.65
N ASP B 369 -3.83 -7.57 14.34
CA ASP B 369 -3.65 -8.49 13.21
C ASP B 369 -3.90 -7.69 11.92
N GLN B 370 -2.95 -7.71 10.99
CA GLN B 370 -3.06 -6.89 9.79
C GLN B 370 -4.01 -7.40 8.72
N LEU B 371 -4.85 -6.52 8.19
CA LEU B 371 -5.75 -6.95 7.13
C LEU B 371 -4.91 -7.32 5.92
N GLU B 372 -3.75 -6.68 5.75
CA GLU B 372 -2.92 -7.05 4.59
C GLU B 372 -2.58 -8.55 4.69
N ARG B 373 -2.37 -9.04 5.91
CA ARG B 373 -2.06 -10.47 6.07
C ARG B 373 -3.25 -11.39 5.68
N VAL B 374 -4.39 -11.05 6.23
CA VAL B 374 -5.62 -11.82 5.99
C VAL B 374 -6.02 -11.72 4.52
N CYS B 375 -5.83 -10.53 3.91
CA CYS B 375 -6.14 -10.35 2.49
C CYS B 375 -5.18 -11.10 1.57
N SER B 376 -3.95 -11.26 2.02
CA SER B 376 -2.97 -11.87 1.14
C SER B 376 -3.35 -13.22 0.57
N ASP B 377 -2.97 -13.45 -0.70
CA ASP B 377 -3.20 -14.74 -1.35
C ASP B 377 -4.67 -15.20 -1.46
N GLY B 378 -5.55 -14.26 -1.75
CA GLY B 378 -6.96 -14.63 -1.93
C GLY B 378 -7.13 -15.66 -3.03
N SER B 379 -6.28 -15.62 -4.06
CA SER B 379 -6.41 -16.56 -5.15
C SER B 379 -6.30 -17.99 -4.64
N SER B 380 -5.51 -18.20 -3.59
CA SER B 380 -5.38 -19.56 -3.02
C SER B 380 -6.39 -19.80 -1.88
N LYS B 381 -6.75 -18.73 -1.16
CA LYS B 381 -7.65 -18.88 -0.01
C LYS B 381 -9.11 -19.09 -0.39
N PHE B 382 -9.59 -18.38 -1.40
CA PHE B 382 -11.00 -18.57 -1.76
C PHE B 382 -11.49 -20.04 -1.91
N PRO B 383 -10.78 -20.86 -2.71
CA PRO B 383 -11.24 -22.24 -2.85
C PRO B 383 -11.24 -23.09 -1.58
N LYS B 384 -10.48 -22.66 -0.59
CA LYS B 384 -10.42 -23.40 0.69
C LYS B 384 -11.37 -22.87 1.78
N PHE B 385 -11.53 -21.54 1.82
CA PHE B 385 -12.29 -20.88 2.89
C PHE B 385 -13.72 -20.51 2.60
N THR B 386 -14.00 -20.24 1.32
CA THR B 386 -15.29 -19.67 0.93
C THR B 386 -16.08 -20.40 -0.11
N VAL B 387 -15.41 -20.83 -1.18
CA VAL B 387 -16.12 -21.52 -2.25
C VAL B 387 -16.89 -22.76 -1.78
N PRO B 388 -16.31 -23.56 -0.84
CA PRO B 388 -17.10 -24.73 -0.41
C PRO B 388 -18.47 -24.31 0.14
N THR B 389 -18.48 -23.23 0.93
CA THR B 389 -19.75 -22.72 1.46
C THR B 389 -20.66 -22.27 0.32
N ILE B 390 -20.15 -21.48 -0.61
CA ILE B 390 -20.96 -20.99 -1.74
C ILE B 390 -21.53 -22.20 -2.52
N ASN B 391 -20.70 -23.23 -2.75
CA ASN B 391 -21.20 -24.39 -3.46
C ASN B 391 -22.41 -25.04 -2.83
N ARG B 392 -22.41 -25.13 -1.51
CA ARG B 392 -23.52 -25.71 -0.79
C ARG B 392 -24.76 -24.78 -0.89
N LEU B 393 -24.55 -23.46 -0.85
CA LEU B 393 -25.69 -22.54 -0.98
C LEU B 393 -26.37 -22.69 -2.34
N ILE B 394 -25.54 -22.80 -3.37
CA ILE B 394 -26.02 -22.97 -4.73
C ILE B 394 -26.78 -24.28 -4.86
N ALA B 395 -26.19 -25.36 -4.36
CA ALA B 395 -26.85 -26.68 -4.43
C ALA B 395 -28.18 -26.68 -3.67
N ASP B 396 -28.20 -26.06 -2.50
CA ASP B 396 -29.42 -26.00 -1.71
C ASP B 396 -30.43 -24.97 -2.22
N GLY B 397 -30.03 -24.10 -3.13
CA GLY B 397 -30.96 -23.07 -3.58
C GLY B 397 -31.17 -22.01 -2.50
N ARG B 398 -30.18 -21.83 -1.61
CA ARG B 398 -30.31 -20.83 -0.55
C ARG B 398 -29.67 -19.47 -0.96
N GLU B 399 -30.02 -18.43 -0.23
CA GLU B 399 -29.54 -17.06 -0.47
C GLU B 399 -28.01 -17.03 -0.56
N THR B 400 -27.50 -16.52 -1.69
CA THR B 400 -26.07 -16.48 -1.90
C THR B 400 -25.49 -15.08 -1.79
N GLU B 401 -26.34 -14.07 -1.60
CA GLU B 401 -25.83 -12.70 -1.63
C GLU B 401 -24.75 -12.31 -0.62
N ARG B 402 -24.80 -12.83 0.61
CA ARG B 402 -23.77 -12.49 1.60
C ARG B 402 -22.42 -13.10 1.18
N ALA B 403 -22.48 -14.32 0.63
CA ALA B 403 -21.25 -14.97 0.17
C ALA B 403 -20.76 -14.33 -1.12
N ALA B 404 -21.67 -13.89 -1.99
CA ALA B 404 -21.27 -13.24 -3.23
C ALA B 404 -20.55 -11.92 -2.93
N LEU B 405 -21.00 -11.24 -1.87
CA LEU B 405 -20.38 -9.98 -1.48
C LEU B 405 -18.89 -10.21 -1.15
N VAL B 406 -18.56 -11.35 -0.53
CA VAL B 406 -17.14 -11.60 -0.25
C VAL B 406 -16.35 -11.62 -1.59
N VAL B 407 -16.88 -12.32 -2.60
CA VAL B 407 -16.21 -12.39 -3.88
C VAL B 407 -16.19 -11.04 -4.61
N ALA B 408 -17.30 -10.31 -4.57
CA ALA B 408 -17.36 -8.99 -5.20
C ALA B 408 -16.38 -8.02 -4.50
N ALA B 409 -16.25 -8.13 -3.18
CA ALA B 409 -15.31 -7.26 -2.45
C ALA B 409 -13.86 -7.57 -2.92
N TRP B 410 -13.54 -8.86 -3.04
CA TRP B 410 -12.21 -9.22 -3.55
C TRP B 410 -12.04 -8.63 -4.94
N ALA B 411 -13.05 -8.75 -5.79
CA ALA B 411 -12.95 -8.21 -7.13
C ALA B 411 -12.66 -6.70 -7.14
N LEU B 412 -13.37 -5.93 -6.34
CA LEU B 412 -13.09 -4.48 -6.32
C LEU B 412 -11.75 -4.21 -5.64
N TYR B 413 -11.46 -4.97 -4.60
CA TYR B 413 -10.19 -4.82 -3.91
C TYR B 413 -9.01 -5.00 -4.89
N LEU B 414 -9.13 -5.93 -5.83
CA LEU B 414 -8.05 -6.19 -6.81
C LEU B 414 -7.73 -4.96 -7.68
N LYS B 415 -8.65 -4.00 -7.70
CA LYS B 415 -8.38 -2.80 -8.49
C LYS B 415 -7.35 -1.88 -7.83
N GLY B 416 -7.05 -2.12 -6.57
CA GLY B 416 -5.98 -1.41 -5.91
C GLY B 416 -6.15 -0.02 -5.32
N VAL B 417 -7.39 0.44 -5.17
CA VAL B 417 -7.66 1.75 -4.55
C VAL B 417 -8.75 1.67 -3.48
N ASP B 418 -8.48 2.17 -2.29
CA ASP B 418 -9.46 2.11 -1.22
C ASP B 418 -10.39 3.31 -1.26
N GLU B 419 -11.36 3.37 -0.36
CA GLU B 419 -12.35 4.45 -0.41
C GLU B 419 -11.82 5.79 0.02
N ASN B 420 -10.61 5.80 0.58
CA ASN B 420 -9.99 7.08 0.97
C ASN B 420 -9.08 7.58 -0.13
N GLY B 421 -9.10 6.90 -1.28
CA GLY B 421 -8.31 7.28 -2.44
C GLY B 421 -6.88 6.77 -2.46
N VAL B 422 -6.55 5.94 -1.49
CA VAL B 422 -5.21 5.41 -1.39
C VAL B 422 -5.03 4.16 -2.23
N SER B 423 -3.93 4.15 -2.99
CA SER B 423 -3.55 3.02 -3.83
C SER B 423 -2.70 2.08 -2.99
N TYR B 424 -2.86 0.79 -3.20
CA TYR B 424 -2.10 -0.21 -2.43
C TYR B 424 -1.72 -1.36 -3.36
N THR B 425 -0.76 -2.16 -2.90
CA THR B 425 -0.29 -3.28 -3.71
C THR B 425 -1.11 -4.50 -3.37
N ILE B 426 -1.13 -5.47 -4.28
CA ILE B 426 -1.88 -6.71 -4.03
C ILE B 426 -0.90 -7.85 -3.65
N PRO B 427 -0.88 -8.25 -2.37
CA PRO B 427 0.04 -9.34 -2.01
C PRO B 427 -0.59 -10.72 -2.32
N ASP B 428 -0.36 -11.21 -3.53
CA ASP B 428 -0.92 -12.47 -3.98
C ASP B 428 0.08 -13.04 -4.99
N PRO B 429 0.37 -14.35 -4.91
CA PRO B 429 1.32 -14.95 -5.84
C PRO B 429 0.85 -14.84 -7.28
N ARG B 430 -0.44 -14.61 -7.48
CA ARG B 430 -0.97 -14.48 -8.84
C ARG B 430 -1.55 -13.08 -9.03
N ALA B 431 -0.94 -12.11 -8.38
CA ALA B 431 -1.46 -10.75 -8.43
C ALA B 431 -1.67 -10.16 -9.82
N GLU B 432 -0.67 -10.27 -10.69
CA GLU B 432 -0.82 -9.68 -12.02
C GLU B 432 -1.96 -10.34 -12.78
N PHE B 433 -2.02 -11.66 -12.74
CA PHE B 433 -3.08 -12.40 -13.40
C PHE B 433 -4.46 -11.98 -12.85
N CYS B 434 -4.62 -11.97 -11.53
CA CYS B 434 -5.93 -11.59 -10.94
C CYS B 434 -6.32 -10.16 -11.29
N GLN B 435 -5.36 -9.24 -11.22
CA GLN B 435 -5.69 -7.86 -11.54
C GLN B 435 -6.15 -7.71 -12.98
N GLY B 436 -5.59 -8.50 -13.88
CA GLY B 436 -5.99 -8.41 -15.26
C GLY B 436 -7.45 -8.83 -15.44
N LEU B 437 -7.95 -9.69 -14.55
CA LEU B 437 -9.32 -10.18 -14.66
C LEU B 437 -10.39 -9.15 -14.34
N VAL B 438 -10.02 -8.09 -13.62
CA VAL B 438 -10.99 -7.07 -13.24
C VAL B 438 -10.72 -5.73 -13.90
N SER B 439 -9.96 -5.76 -14.98
CA SER B 439 -9.65 -4.52 -15.69
C SER B 439 -10.89 -3.89 -16.39
N ASP B 440 -11.85 -4.71 -16.81
CA ASP B 440 -13.05 -4.23 -17.50
C ASP B 440 -14.36 -4.60 -16.74
N ASP B 441 -15.07 -3.61 -16.20
CA ASP B 441 -16.31 -3.89 -15.43
C ASP B 441 -17.34 -4.76 -16.13
N ALA B 442 -17.41 -4.62 -17.45
CA ALA B 442 -18.38 -5.36 -18.25
C ALA B 442 -18.04 -6.83 -18.37
N LEU B 443 -16.77 -7.16 -18.19
CA LEU B 443 -16.33 -8.53 -18.31
C LEU B 443 -15.80 -9.11 -17.00
N ILE B 444 -16.10 -8.48 -15.87
CA ILE B 444 -15.57 -9.03 -14.63
C ILE B 444 -16.15 -10.40 -14.29
N SER B 445 -17.47 -10.49 -14.23
CA SER B 445 -18.05 -11.76 -13.89
C SER B 445 -17.64 -12.85 -14.91
N GLN B 446 -17.59 -12.53 -16.19
CA GLN B 446 -17.25 -13.60 -17.11
C GLN B 446 -15.77 -14.05 -17.00
N ARG B 447 -14.87 -13.12 -16.70
CA ARG B 447 -13.45 -13.48 -16.62
C ARG B 447 -13.02 -13.98 -15.25
N LEU B 448 -13.38 -13.25 -14.21
CA LEU B 448 -13.00 -13.63 -12.86
C LEU B 448 -13.61 -14.93 -12.40
N LEU B 449 -14.93 -15.08 -12.56
CA LEU B 449 -15.57 -16.29 -12.04
C LEU B 449 -15.30 -17.51 -12.86
N ALA B 450 -14.64 -17.31 -14.00
CA ALA B 450 -14.29 -18.37 -14.92
C ALA B 450 -13.00 -19.10 -14.56
N VAL B 451 -12.26 -18.64 -13.55
CA VAL B 451 -10.98 -19.31 -13.18
C VAL B 451 -11.32 -20.51 -12.32
N GLU B 452 -11.32 -21.68 -12.95
CA GLU B 452 -11.72 -22.89 -12.29
C GLU B 452 -10.98 -23.27 -11.03
N GLU B 453 -9.67 -23.03 -11.00
CA GLU B 453 -8.89 -23.42 -9.84
C GLU B 453 -9.15 -22.48 -8.67
N ILE B 454 -9.91 -21.41 -8.88
CA ILE B 454 -10.24 -20.51 -7.79
C ILE B 454 -11.72 -20.73 -7.45
N PHE B 455 -12.59 -20.70 -8.47
CA PHE B 455 -14.03 -20.75 -8.22
C PHE B 455 -14.86 -21.99 -8.48
N GLY B 456 -14.27 -23.00 -9.12
CA GLY B 456 -15.03 -24.21 -9.38
C GLY B 456 -15.96 -24.03 -10.57
N THR B 457 -16.85 -25.00 -10.77
CA THR B 457 -17.76 -24.97 -11.90
C THR B 457 -19.21 -24.63 -11.56
N ALA B 458 -19.57 -24.65 -10.28
CA ALA B 458 -20.94 -24.32 -9.88
C ALA B 458 -21.16 -22.83 -9.92
N ILE B 459 -20.18 -22.09 -9.42
CA ILE B 459 -20.28 -20.63 -9.38
C ILE B 459 -20.59 -19.94 -10.71
N PRO B 460 -19.75 -20.15 -11.75
CA PRO B 460 -20.01 -19.48 -13.03
C PRO B 460 -21.28 -19.96 -13.74
N ASN B 461 -21.73 -21.14 -13.40
CA ASN B 461 -22.92 -21.69 -14.01
C ASN B 461 -24.20 -21.49 -13.19
N SER B 462 -24.13 -20.66 -12.14
CA SER B 462 -25.31 -20.36 -11.32
C SER B 462 -25.80 -18.94 -11.63
N PRO B 463 -26.89 -18.78 -12.40
CA PRO B 463 -27.26 -17.38 -12.65
C PRO B 463 -27.58 -16.60 -11.38
N GLU B 464 -28.14 -17.26 -10.38
CA GLU B 464 -28.46 -16.53 -9.14
C GLU B 464 -27.17 -16.01 -8.51
N PHE B 465 -26.12 -16.84 -8.47
CA PHE B 465 -24.88 -16.37 -7.84
C PHE B 465 -24.24 -15.27 -8.69
N VAL B 466 -24.18 -15.48 -9.99
CA VAL B 466 -23.59 -14.47 -10.84
C VAL B 466 -24.31 -13.14 -10.74
N ALA B 467 -25.65 -13.20 -10.66
CA ALA B 467 -26.39 -11.94 -10.57
C ALA B 467 -26.16 -11.25 -9.21
N ALA B 468 -26.06 -12.04 -8.14
CA ALA B 468 -25.81 -11.50 -6.79
C ALA B 468 -24.42 -10.85 -6.77
N PHE B 469 -23.47 -11.53 -7.41
CA PHE B 469 -22.11 -11.00 -7.48
C PHE B 469 -22.11 -9.65 -8.22
N GLU B 470 -22.82 -9.57 -9.33
CA GLU B 470 -22.88 -8.34 -10.08
C GLU B 470 -23.54 -7.21 -9.31
N ARG B 471 -24.63 -7.49 -8.61
CA ARG B 471 -25.29 -6.48 -7.78
C ARG B 471 -24.33 -6.00 -6.68
N CYS B 472 -23.63 -6.93 -6.01
CA CYS B 472 -22.70 -6.54 -4.94
C CYS B 472 -21.53 -5.70 -5.45
N TYR B 473 -20.96 -6.09 -6.58
CA TYR B 473 -19.83 -5.34 -7.13
C TYR B 473 -20.28 -3.92 -7.52
N GLY B 474 -21.44 -3.80 -8.19
CA GLY B 474 -21.88 -2.45 -8.57
C GLY B 474 -22.16 -1.57 -7.37
N SER B 475 -22.77 -2.17 -6.35
CA SER B 475 -23.10 -1.41 -5.17
C SER B 475 -21.82 -0.97 -4.45
N LEU B 476 -20.83 -1.86 -4.37
CA LEU B 476 -19.59 -1.49 -3.69
C LEU B 476 -18.93 -0.34 -4.46
N ARG B 477 -18.89 -0.47 -5.79
CA ARG B 477 -18.26 0.54 -6.68
C ARG B 477 -18.96 1.89 -6.62
N ASP B 478 -20.28 1.84 -6.66
CA ASP B 478 -21.09 3.06 -6.66
C ASP B 478 -21.50 3.60 -5.32
N ASN B 479 -21.89 2.73 -4.40
CA ASN B 479 -22.37 3.18 -3.11
C ASN B 479 -21.41 3.06 -1.94
N GLY B 480 -20.34 2.29 -2.12
CA GLY B 480 -19.38 2.09 -1.04
C GLY B 480 -19.72 0.93 -0.11
N VAL B 481 -18.74 0.50 0.68
CA VAL B 481 -18.89 -0.60 1.64
C VAL B 481 -20.01 -0.41 2.68
N THR B 482 -20.04 0.73 3.35
CA THR B 482 -21.02 0.92 4.43
C THR B 482 -22.48 0.78 3.92
N THR B 483 -22.79 1.51 2.86
CA THR B 483 -24.16 1.45 2.32
C THR B 483 -24.52 0.06 1.81
N THR B 484 -23.55 -0.60 1.20
CA THR B 484 -23.76 -1.93 0.69
C THR B 484 -24.08 -2.88 1.84
N LEU B 485 -23.34 -2.81 2.93
CA LEU B 485 -23.63 -3.66 4.08
C LEU B 485 -24.98 -3.32 4.69
N LYS B 486 -25.27 -2.03 4.78
CA LYS B 486 -26.54 -1.62 5.38
C LYS B 486 -27.70 -2.23 4.60
N HIS B 487 -27.62 -2.17 3.27
CA HIS B 487 -28.68 -2.71 2.42
C HIS B 487 -28.81 -4.20 2.53
N LEU B 488 -27.67 -4.88 2.57
CA LEU B 488 -27.68 -6.33 2.66
C LEU B 488 -28.19 -6.87 4.00
N LEU B 489 -27.92 -6.16 5.08
CA LEU B 489 -28.32 -6.62 6.39
C LEU B 489 -29.83 -6.52 6.64
N LYS B 490 -30.57 -5.89 5.74
CA LYS B 490 -32.00 -5.88 6.01
C LYS B 490 -32.66 -7.19 5.55
N LYS B 491 -31.92 -8.02 4.81
CA LYS B 491 -32.40 -9.33 4.34
C LYS B 491 -32.76 -10.24 5.52
N PRO B 492 -34.01 -10.78 5.55
CA PRO B 492 -34.39 -11.66 6.67
C PRO B 492 -33.71 -13.05 6.54
PA NAD C . -3.37 15.58 -9.75
O1A NAD C . -2.72 14.31 -9.60
O2A NAD C . -4.85 15.86 -9.42
O5B NAD C . -3.14 16.10 -11.27
C5B NAD C . -1.79 16.20 -11.77
C4B NAD C . -2.06 16.70 -13.23
O4B NAD C . -0.72 16.87 -13.88
C3B NAD C . -2.74 15.67 -14.15
O3B NAD C . -3.42 16.47 -15.11
C2B NAD C . -1.57 14.90 -14.73
O2B NAD C . -1.85 14.07 -15.87
C1B NAD C . -0.64 16.06 -15.06
N9A NAD C . 0.73 15.66 -15.28
C8A NAD C . 1.57 14.83 -14.55
N7A NAD C . 2.80 14.72 -15.07
C5A NAD C . 2.72 15.55 -16.20
C6A NAD C . 3.69 15.84 -17.16
N6A NAD C . 4.95 15.40 -17.15
N1A NAD C . 3.32 16.71 -18.22
C2A NAD C . 2.03 17.24 -18.32
N3A NAD C . 1.02 16.97 -17.38
C4A NAD C . 1.43 16.11 -16.34
O3 NAD C . -2.53 16.64 -8.91
PN NAD C . -2.76 18.12 -8.37
O1N NAD C . -3.35 18.13 -7.01
O2N NAD C . -3.51 18.82 -9.43
O5D NAD C . -1.23 18.65 -8.27
C5D NAD C . -0.61 19.07 -9.53
C4D NAD C . 0.52 20.03 -9.30
O4D NAD C . 0.13 21.39 -8.97
C3D NAD C . 1.62 19.65 -8.24
O3D NAD C . 2.52 18.68 -8.73
C2D NAD C . 2.22 20.99 -7.81
O2D NAD C . 3.38 21.48 -8.55
C1D NAD C . 1.02 21.92 -7.90
N1N NAD C . 0.28 22.01 -6.61
C2N NAD C . -0.56 21.03 -5.99
C3N NAD C . -1.11 21.38 -4.73
C7N NAD C . -1.97 20.37 -3.96
O7N NAD C . -2.33 20.66 -2.71
N7N NAD C . -2.23 19.25 -4.57
C4N NAD C . -0.82 22.66 -4.13
C5N NAD C . 0.01 23.59 -4.82
C6N NAD C . 0.57 23.28 -6.04
O1 MTL D . -0.30 24.58 -1.33
C1 MTL D . 0.09 23.39 -0.63
C2 MTL D . 0.65 22.41 -1.65
O2 MTL D . 1.80 22.98 -2.35
C3 MTL D . 1.00 21.07 -1.00
O3 MTL D . -0.26 20.43 -0.64
C4 MTL D . 1.78 20.17 -1.99
O4 MTL D . 0.89 19.63 -2.97
C5 MTL D . 2.43 19.01 -1.24
O5 MTL D . 3.43 19.52 -0.34
C6 MTL D . 3.08 17.97 -2.23
O6 MTL D . 3.87 17.08 -1.46
PA NAD E . 4.52 -16.59 7.14
O1A NAD E . 4.38 -15.68 6.04
O2A NAD E . 5.07 -16.23 8.53
O5B NAD E . 5.37 -17.88 6.62
C5B NAD E . 4.89 -18.66 5.47
C4B NAD E . 6.02 -19.73 5.32
O4B NAD E . 5.63 -20.62 4.15
C3B NAD E . 7.40 -19.15 4.88
O3B NAD E . 8.39 -19.99 5.46
C2B NAD E . 7.35 -19.24 3.37
O2B NAD E . 8.62 -19.14 2.70
C1B NAD E . 6.64 -20.62 3.12
N9A NAD E . 6.04 -20.65 1.80
C8A NAD E . 5.31 -19.70 1.12
N7A NAD E . 4.89 -20.08 -0.08
C5A NAD E . 5.39 -21.37 -0.19
C6A NAD E . 5.26 -22.29 -1.24
N6A NAD E . 4.60 -22.08 -2.41
N1A NAD E . 5.88 -23.54 -1.08
C2A NAD E . 6.61 -23.86 0.10
N3A NAD E . 6.74 -22.97 1.16
C4A NAD E . 6.11 -21.73 0.97
O3 NAD E . 3.08 -17.23 7.43
PN NAD E . 2.50 -18.02 8.69
O1N NAD E . 1.88 -17.09 9.68
O2N NAD E . 3.60 -18.89 9.13
O5D NAD E . 1.35 -18.85 8.04
C5D NAD E . 1.77 -19.85 7.08
C4D NAD E . 0.69 -20.86 6.89
O4D NAD E . 0.34 -21.59 8.08
C3D NAD E . -0.67 -20.38 6.28
O3D NAD E . -0.62 -20.26 4.86
C2D NAD E . -1.71 -21.39 6.84
O2D NAD E . -2.01 -22.55 6.04
C1D NAD E . -1.14 -21.75 8.16
N1N NAD E . -1.69 -20.95 9.27
C2N NAD E . -1.39 -19.61 9.62
C3N NAD E . -2.12 -19.07 10.73
C7N NAD E . -1.89 -17.61 11.15
O7N NAD E . -2.69 -17.11 12.06
N7N NAD E . -0.96 -16.96 10.51
C4N NAD E . -3.10 -19.86 11.43
C5N NAD E . -3.34 -21.20 11.03
C6N NAD E . -2.66 -21.75 9.97
O1 MTL F . -6.06 -20.15 13.12
C1 MTL F . -6.49 -18.91 12.48
C2 MTL F . -5.76 -18.83 11.13
O2 MTL F . -6.12 -20.00 10.33
C3 MTL F . -6.04 -17.50 10.41
O3 MTL F . -5.37 -16.46 11.15
C4 MTL F . -5.51 -17.55 8.94
O4 MTL F . -4.07 -17.43 8.89
C5 MTL F . -6.16 -16.41 8.11
O5 MTL F . -7.57 -16.65 8.03
C6 MTL F . -5.56 -16.37 6.67
O6 MTL F . -6.34 -15.44 5.90
#